data_6H16
#
_entry.id   6H16
#
_cell.length_a   92.795
_cell.length_b   105.954
_cell.length_c   164.191
_cell.angle_alpha   90.000
_cell.angle_beta   90.000
_cell.angle_gamma   90.000
#
_symmetry.space_group_name_H-M   'P 21 21 21'
#
loop_
_entity.id
_entity.type
_entity.pdbx_description
1 polymer 'Low-density lipoprotein receptor-related protein 6'
2 polymer 'VHH L-P2-D07'
3 branched beta-D-mannopyranose-(1-4)-2-acetamido-2-deoxy-beta-D-glucopyranose-(1-4)-2-acetamido-2-deoxy-beta-D-glucopyranose
4 branched alpha-D-mannopyranose-(1-3)-beta-D-mannopyranose-(1-4)-2-acetamido-2-deoxy-beta-D-glucopyranose-(1-4)-2-acetamido-2-deoxy-beta-D-glucopyranose
5 non-polymer 2-acetamido-2-deoxy-beta-D-glucopyranose
6 non-polymer 'CALCIUM ION'
7 water water
#
loop_
_entity_poly.entity_id
_entity_poly.type
_entity_poly.pdbx_seq_one_letter_code
_entity_poly.pdbx_strand_id
1 'polypeptide(L)'
;PEAFLLFSRRADIRRISLETNNNNVAIPLTGVKEASALDFDVTDNRIYWTDISLKTISRAFMNGSALEHVVEFGLDYPEG
MAVDWLGKNLYWADTGTNRIEVSKLDGQHRQVLVWKDLDSPRALALDPAEGFMYWTEWGGKPKIDRAAMDGSERTTLVPN
VGRANGLTIDYAKRRLYWTDLDTNLIESSNMLGLNREVIADDLPHPFGLTQYQDYIYWTDWSRRSIERANKTSGQNRTII
QGHLDYVMDILVFHSSRQSGWNECASSNGHCSHLCLAVPVGGFVCGCPAHYSLNADNRTCSAPTTFLLFSQKSAINRMVI
DEQQSPDIILPIHSLRNVRAIDYDPLDKQLYWIDSRQNMIRKAQEDGSQGFTVVVSSVPSQNLEIQPYDLSIDIYSRYIY
WTCEATNVINVTRLDGRSVGVVLKGEQDRPRAVVVNPEKGYMYFTNLQERSPKIERAALDGTEREVLFFSGLSKPIALAL
DSRLGKLFWADSDLRRIESSDLSGANRIVLEDSNILQPVGLTVFENWLYWIDKQQQMIEKIDMTGREGRTKVQARIAQLS
DIHAVKELNLQEYRQHPCAQDNGGCSHICLVKGDGTTRCSCPMHLVLLQDELSCGAAA
;
A
2 'polypeptide(L)'
;EVQLQESGGGLVQAGGSLRLSCAASGRTFSIYTIGWFRQAPGKEREFVAEITWSGGSTYYADSVKGRFTISRDNAKNTVY
LQMNSLKPEDTAVYYCAAITYTRGIYKYWGQGTQVTVSS
;
B
#
loop_
_chem_comp.id
_chem_comp.type
_chem_comp.name
_chem_comp.formula
BMA D-saccharide, beta linking beta-D-mannopyranose 'C6 H12 O6'
CA non-polymer 'CALCIUM ION' 'Ca 2'
MAN D-saccharide, alpha linking alpha-D-mannopyranose 'C6 H12 O6'
NAG D-saccharide, beta linking 2-acetamido-2-deoxy-beta-D-glucopyranose 'C8 H15 N O6'
#
# COMPACT_ATOMS: atom_id res chain seq x y z
N PRO A 1 -18.30 28.12 -22.39
CA PRO A 1 -17.53 26.91 -22.06
C PRO A 1 -16.19 26.88 -22.79
N GLU A 2 -15.24 27.67 -22.32
CA GLU A 2 -13.97 27.85 -23.02
C GLU A 2 -12.97 26.80 -22.56
N ALA A 3 -12.32 26.16 -23.54
CA ALA A 3 -11.30 25.17 -23.22
C ALA A 3 -10.05 25.84 -22.63
N PHE A 4 -9.36 25.11 -21.76
CA PHE A 4 -8.16 25.64 -21.14
C PHE A 4 -7.26 24.49 -20.71
N LEU A 5 -6.01 24.83 -20.43
CA LEU A 5 -5.00 23.89 -19.98
C LEU A 5 -4.89 23.89 -18.47
N LEU A 6 -4.49 22.74 -17.92
CA LEU A 6 -4.27 22.55 -16.50
C LEU A 6 -2.98 21.78 -16.33
N PHE A 7 -2.13 22.23 -15.40
CA PHE A 7 -0.86 21.55 -15.19
C PHE A 7 -0.50 21.50 -13.71
N SER A 8 0.23 20.46 -13.33
CA SER A 8 0.69 20.28 -11.95
C SER A 8 2.16 20.65 -11.86
N ARG A 9 2.51 21.38 -10.81
CA ARG A 9 3.90 21.77 -10.56
C ARG A 9 4.07 21.98 -9.07
N ARG A 10 4.95 21.20 -8.45
CA ARG A 10 5.15 21.24 -7.01
C ARG A 10 3.83 21.08 -6.27
N ALA A 11 3.39 22.14 -5.60
CA ALA A 11 2.15 22.13 -4.82
C ALA A 11 1.08 23.01 -5.44
N ASP A 12 1.08 23.15 -6.76
CA ASP A 12 0.13 24.02 -7.45
C ASP A 12 -0.40 23.33 -8.70
N ILE A 13 -1.71 23.18 -8.78
CA ILE A 13 -2.40 22.85 -10.02
C ILE A 13 -2.93 24.16 -10.60
N ARG A 14 -2.47 24.51 -11.79
CA ARG A 14 -2.70 25.83 -12.35
C ARG A 14 -3.39 25.75 -13.71
N ARG A 15 -3.98 26.88 -14.09
CA ARG A 15 -4.87 26.99 -15.24
C ARG A 15 -4.30 28.01 -16.21
N ILE A 16 -4.26 27.65 -17.50
CA ILE A 16 -3.76 28.52 -18.56
C ILE A 16 -4.77 28.53 -19.70
N SER A 17 -5.38 29.69 -19.94
CA SER A 17 -6.37 29.78 -21.01
C SER A 17 -5.70 29.71 -22.37
N LEU A 18 -6.31 28.93 -23.28
CA LEU A 18 -5.76 28.75 -24.62
C LEU A 18 -6.02 29.98 -25.49
N GLU A 19 -7.29 30.22 -25.82
CA GLU A 19 -7.66 31.38 -26.62
C GLU A 19 -7.49 32.65 -25.79
N THR A 20 -6.66 33.56 -26.29
CA THR A 20 -6.27 34.80 -25.58
C THR A 20 -5.67 34.38 -24.24
N ASN A 21 -5.95 35.09 -23.15
CA ASN A 21 -5.43 34.73 -21.84
C ASN A 21 -6.34 35.27 -20.77
N ASN A 22 -6.74 34.41 -19.83
CA ASN A 22 -7.58 34.81 -18.71
C ASN A 22 -7.52 33.72 -17.66
N ASN A 23 -7.56 34.13 -16.38
CA ASN A 23 -7.51 33.21 -15.25
C ASN A 23 -6.24 32.37 -15.27
N ASN A 24 -5.11 33.04 -15.44
CA ASN A 24 -3.80 32.39 -15.36
C ASN A 24 -3.35 32.16 -13.92
N VAL A 25 -4.28 31.81 -13.04
CA VAL A 25 -4.00 31.65 -11.62
C VAL A 25 -4.04 30.19 -11.23
N ALA A 26 -3.72 29.89 -9.98
CA ALA A 26 -3.74 28.53 -9.46
C ALA A 26 -5.14 28.18 -8.94
N ILE A 27 -5.44 26.89 -8.94
CA ILE A 27 -6.69 26.40 -8.38
C ILE A 27 -6.57 26.44 -6.85
N PRO A 28 -7.47 27.13 -6.16
CA PRO A 28 -7.30 27.32 -4.71
C PRO A 28 -7.42 26.03 -3.91
N LEU A 29 -6.31 25.32 -3.75
CA LEU A 29 -6.26 24.10 -2.97
C LEU A 29 -5.41 24.33 -1.72
N THR A 30 -5.73 23.59 -0.65
CA THR A 30 -5.19 23.86 0.67
C THR A 30 -3.95 23.02 1.00
N GLY A 31 -4.09 21.71 1.04
CA GLY A 31 -3.02 20.86 1.54
C GLY A 31 -2.28 20.03 0.51
N VAL A 32 -1.86 20.65 -0.59
CA VAL A 32 -1.09 19.97 -1.64
C VAL A 32 0.39 20.12 -1.33
N LYS A 33 1.15 19.06 -1.58
CA LYS A 33 2.60 19.07 -1.38
C LYS A 33 3.36 18.84 -2.67
N GLU A 34 3.15 17.69 -3.34
CA GLU A 34 3.82 17.37 -4.61
C GLU A 34 2.76 16.82 -5.57
N ALA A 35 2.08 17.72 -6.27
CA ALA A 35 1.08 17.31 -7.24
C ALA A 35 1.74 16.62 -8.43
N SER A 36 1.14 15.53 -8.87
CA SER A 36 1.69 14.76 -9.98
C SER A 36 0.66 14.56 -11.09
N ALA A 37 0.09 13.35 -11.16
CA ALA A 37 -0.87 13.04 -12.20
C ALA A 37 -2.15 13.85 -12.03
N LEU A 38 -2.83 14.08 -13.15
CA LEU A 38 -4.05 14.89 -13.17
C LEU A 38 -5.08 14.25 -14.09
N ASP A 39 -6.34 14.42 -13.73
CA ASP A 39 -7.44 14.15 -14.65
C ASP A 39 -8.66 14.91 -14.15
N PHE A 40 -9.79 14.75 -14.84
CA PHE A 40 -10.96 15.55 -14.53
C PHE A 40 -12.24 14.81 -14.87
N ASP A 41 -13.32 15.25 -14.25
CA ASP A 41 -14.69 14.88 -14.61
C ASP A 41 -15.39 16.17 -14.98
N VAL A 42 -15.70 16.34 -16.27
CA VAL A 42 -16.13 17.64 -16.77
C VAL A 42 -17.59 17.92 -16.43
N THR A 43 -18.44 16.90 -16.38
CA THR A 43 -19.84 17.13 -16.03
C THR A 43 -19.99 17.45 -14.55
N ASP A 44 -19.21 16.76 -13.71
CA ASP A 44 -19.16 17.10 -12.29
C ASP A 44 -18.23 18.27 -12.01
N ASN A 45 -17.47 18.73 -13.02
CA ASN A 45 -16.61 19.91 -12.91
C ASN A 45 -15.60 19.74 -11.77
N ARG A 46 -15.00 18.56 -11.68
CA ARG A 46 -14.08 18.26 -10.60
C ARG A 46 -12.73 17.82 -11.15
N ILE A 47 -11.67 18.10 -10.40
CA ILE A 47 -10.32 17.71 -10.78
C ILE A 47 -9.81 16.67 -9.79
N TYR A 48 -8.95 15.79 -10.28
CA TYR A 48 -8.39 14.68 -9.53
C TYR A 48 -6.87 14.71 -9.71
N TRP A 49 -6.14 14.59 -8.60
CA TRP A 49 -4.69 14.63 -8.65
C TRP A 49 -4.10 13.69 -7.61
N THR A 50 -2.86 13.29 -7.85
CA THR A 50 -2.09 12.46 -6.93
C THR A 50 -1.04 13.30 -6.23
N ASP A 51 -0.45 12.71 -5.19
CA ASP A 51 0.59 13.39 -4.40
C ASP A 51 1.55 12.34 -3.87
N ILE A 52 2.83 12.48 -4.26
CA ILE A 52 3.85 11.52 -3.88
C ILE A 52 4.34 11.78 -2.46
N SER A 53 4.58 13.05 -2.11
CA SER A 53 5.02 13.37 -0.76
C SER A 53 3.97 12.99 0.28
N LEU A 54 2.69 13.04 -0.09
CA LEU A 54 1.60 12.65 0.79
C LEU A 54 1.11 11.23 0.54
N LYS A 55 1.47 10.63 -0.61
CA LYS A 55 0.99 9.29 -0.98
C LYS A 55 -0.54 9.25 -1.01
N THR A 56 -1.15 10.23 -1.69
CA THR A 56 -2.60 10.35 -1.69
C THR A 56 -3.12 10.60 -3.09
N ILE A 57 -4.44 10.41 -3.25
CA ILE A 57 -5.17 10.79 -4.46
C ILE A 57 -6.40 11.56 -4.00
N SER A 58 -6.47 12.83 -4.36
CA SER A 58 -7.54 13.71 -3.91
C SER A 58 -8.31 14.29 -5.10
N ARG A 59 -9.52 14.78 -4.80
CA ARG A 59 -10.38 15.42 -5.77
C ARG A 59 -10.94 16.70 -5.18
N ALA A 60 -11.23 17.68 -6.04
CA ALA A 60 -11.80 18.93 -5.59
C ALA A 60 -12.39 19.66 -6.78
N PHE A 61 -13.46 20.42 -6.52
CA PHE A 61 -14.12 21.18 -7.58
C PHE A 61 -13.17 22.24 -8.14
N MET A 62 -13.55 22.81 -9.29
CA MET A 62 -12.72 23.79 -9.96
C MET A 62 -12.51 25.04 -9.11
N ASN A 63 -13.34 25.26 -8.09
CA ASN A 63 -13.19 26.39 -7.18
C ASN A 63 -12.64 25.98 -5.83
N GLY A 64 -11.94 24.84 -5.76
CA GLY A 64 -11.27 24.41 -4.54
C GLY A 64 -12.16 23.91 -3.44
N SER A 65 -13.47 24.02 -3.56
CA SER A 65 -14.36 23.55 -2.51
C SER A 65 -14.51 22.02 -2.58
N ALA A 66 -14.92 21.44 -1.45
CA ALA A 66 -15.13 19.99 -1.33
C ALA A 66 -13.87 19.20 -1.62
N LEU A 67 -12.74 19.66 -1.07
CA LEU A 67 -11.48 18.96 -1.21
C LEU A 67 -11.46 17.77 -0.26
N GLU A 68 -11.38 16.56 -0.82
CA GLU A 68 -11.39 15.34 -0.02
C GLU A 68 -10.38 14.35 -0.58
N HIS A 69 -9.72 13.64 0.32
CA HIS A 69 -8.72 12.64 -0.05
C HIS A 69 -9.45 11.33 -0.36
N VAL A 70 -9.55 11.01 -1.64
CA VAL A 70 -10.30 9.81 -2.05
C VAL A 70 -9.52 8.55 -1.67
N VAL A 71 -8.25 8.49 -2.05
CA VAL A 71 -7.39 7.34 -1.75
C VAL A 71 -6.25 7.82 -0.87
N GLU A 72 -6.10 7.17 0.30
CA GLU A 72 -5.07 7.58 1.26
C GLU A 72 -4.44 6.41 1.98
N PHE A 73 -4.64 5.17 1.50
CA PHE A 73 -4.05 3.99 2.10
C PHE A 73 -3.39 3.13 1.04
N GLY A 74 -2.30 2.48 1.41
CA GLY A 74 -1.65 1.52 0.53
C GLY A 74 -1.10 2.11 -0.75
N LEU A 75 -0.71 3.38 -0.73
CA LEU A 75 -0.08 4.02 -1.88
C LEU A 75 1.38 4.29 -1.57
N ASP A 76 2.25 4.02 -2.55
CA ASP A 76 3.68 4.28 -2.42
C ASP A 76 4.16 5.32 -3.41
N TYR A 77 3.90 5.13 -4.70
CA TYR A 77 4.27 6.11 -5.73
C TYR A 77 3.22 6.08 -6.82
N PRO A 78 2.10 6.79 -6.62
CA PRO A 78 1.05 6.86 -7.65
C PRO A 78 1.39 7.90 -8.72
N GLU A 79 2.32 7.53 -9.59
CA GLU A 79 2.76 8.41 -10.68
C GLU A 79 1.77 8.47 -11.83
N GLY A 80 0.81 7.55 -11.89
CA GLY A 80 -0.17 7.54 -12.96
C GLY A 80 -1.58 7.39 -12.42
N MET A 81 -2.50 8.06 -13.11
CA MET A 81 -3.90 8.05 -12.70
C MET A 81 -4.75 8.58 -13.86
N ALA A 82 -5.95 8.01 -14.01
CA ALA A 82 -6.88 8.43 -15.05
C ALA A 82 -8.30 8.17 -14.57
N VAL A 83 -9.24 8.90 -15.18
CA VAL A 83 -10.64 8.91 -14.75
C VAL A 83 -11.48 8.26 -15.84
N ASP A 84 -12.19 7.20 -15.47
CA ASP A 84 -13.25 6.62 -16.29
C ASP A 84 -14.48 7.49 -16.10
N TRP A 85 -14.71 8.39 -17.06
CA TRP A 85 -15.77 9.39 -16.96
C TRP A 85 -17.14 8.85 -17.35
N LEU A 86 -17.23 7.63 -17.88
CA LEU A 86 -18.50 7.00 -18.20
C LEU A 86 -19.00 6.13 -17.06
N GLY A 87 -18.21 5.13 -16.67
CA GLY A 87 -18.51 4.33 -15.51
C GLY A 87 -18.24 5.00 -14.19
N LYS A 88 -17.66 6.20 -14.22
CA LYS A 88 -17.32 6.97 -13.02
C LYS A 88 -16.41 6.17 -12.10
N ASN A 89 -15.29 5.72 -12.66
CA ASN A 89 -14.30 4.96 -11.92
C ASN A 89 -12.96 5.69 -11.90
N LEU A 90 -12.12 5.33 -10.94
CA LEU A 90 -10.81 5.94 -10.80
C LEU A 90 -9.75 4.86 -10.93
N TYR A 91 -8.92 4.97 -11.98
CA TYR A 91 -7.81 4.06 -12.21
C TYR A 91 -6.50 4.75 -11.83
N TRP A 92 -5.56 3.98 -11.30
CA TRP A 92 -4.24 4.53 -11.01
C TRP A 92 -3.20 3.42 -11.06
N ALA A 93 -1.95 3.84 -11.27
CA ALA A 93 -0.81 2.93 -11.35
C ALA A 93 0.22 3.32 -10.30
N ASP A 94 0.73 2.32 -9.58
CA ASP A 94 1.72 2.52 -8.53
C ASP A 94 2.97 1.73 -8.87
N THR A 95 4.10 2.45 -8.98
CA THR A 95 5.39 1.87 -9.30
C THR A 95 6.13 1.36 -8.07
N GLY A 96 5.70 1.75 -6.87
CA GLY A 96 6.28 1.21 -5.65
C GLY A 96 5.76 -0.17 -5.35
N THR A 97 4.45 -0.34 -5.46
CA THR A 97 3.81 -1.64 -5.31
C THR A 97 3.64 -2.37 -6.64
N ASN A 98 3.93 -1.71 -7.76
CA ASN A 98 3.83 -2.29 -9.09
C ASN A 98 2.44 -2.90 -9.34
N ARG A 99 1.44 -2.04 -9.37
CA ARG A 99 0.09 -2.53 -9.58
C ARG A 99 -0.80 -1.42 -10.14
N ILE A 100 -1.74 -1.84 -10.99
CA ILE A 100 -2.79 -0.96 -11.52
C ILE A 100 -4.08 -1.31 -10.80
N GLU A 101 -4.63 -0.32 -10.09
CA GLU A 101 -5.80 -0.50 -9.26
C GLU A 101 -6.93 0.40 -9.73
N VAL A 102 -8.16 0.00 -9.40
CA VAL A 102 -9.36 0.73 -9.77
C VAL A 102 -10.23 0.89 -8.52
N SER A 103 -11.06 1.93 -8.54
CA SER A 103 -12.09 2.14 -7.53
C SER A 103 -13.17 3.01 -8.18
N LYS A 104 -14.02 3.60 -7.37
CA LYS A 104 -14.95 4.61 -7.85
C LYS A 104 -14.40 5.99 -7.53
N LEU A 105 -14.95 7.00 -8.20
CA LEU A 105 -14.57 8.39 -7.91
C LEU A 105 -14.77 8.71 -6.43
N ASP A 106 -15.80 8.11 -5.82
CA ASP A 106 -15.96 8.21 -4.37
C ASP A 106 -14.78 7.60 -3.64
N GLY A 107 -14.26 6.49 -4.16
CA GLY A 107 -13.15 5.78 -3.53
C GLY A 107 -13.50 4.42 -3.01
N GLN A 108 -14.78 4.07 -2.95
CA GLN A 108 -15.19 2.80 -2.40
C GLN A 108 -14.88 1.66 -3.36
N HIS A 109 -14.89 0.44 -2.82
CA HIS A 109 -14.79 -0.79 -3.62
C HIS A 109 -13.45 -0.86 -4.37
N ARG A 110 -12.37 -0.52 -3.68
CA ARG A 110 -11.05 -0.56 -4.28
C ARG A 110 -10.69 -1.98 -4.69
N GLN A 111 -10.20 -2.14 -5.91
CA GLN A 111 -9.87 -3.44 -6.45
C GLN A 111 -8.55 -3.36 -7.21
N VAL A 112 -7.75 -4.41 -7.10
CA VAL A 112 -6.51 -4.53 -7.87
C VAL A 112 -6.85 -5.21 -9.19
N LEU A 113 -6.57 -4.53 -10.29
CA LEU A 113 -6.83 -5.05 -11.63
C LEU A 113 -5.62 -5.76 -12.23
N VAL A 114 -4.43 -5.16 -12.13
CA VAL A 114 -3.21 -5.79 -12.62
C VAL A 114 -2.16 -5.74 -11.52
N TRP A 115 -1.49 -6.86 -11.29
CA TRP A 115 -0.48 -6.90 -10.23
C TRP A 115 0.67 -7.84 -10.57
N LYS A 116 0.49 -8.68 -11.60
CA LYS A 116 1.51 -9.63 -12.01
C LYS A 116 2.27 -9.10 -13.22
N ASP A 117 3.60 -9.32 -13.21
CA ASP A 117 4.46 -8.99 -14.34
C ASP A 117 4.38 -7.51 -14.71
N LEU A 118 4.31 -6.65 -13.69
CA LEU A 118 4.33 -5.20 -13.87
C LEU A 118 5.68 -4.66 -13.43
N ASP A 119 6.33 -3.90 -14.30
CA ASP A 119 7.64 -3.31 -14.02
C ASP A 119 7.50 -1.79 -14.13
N SER A 120 7.11 -1.16 -13.02
CA SER A 120 6.99 0.29 -12.89
C SER A 120 6.03 0.87 -13.93
N PRO A 121 4.73 0.64 -13.82
CA PRO A 121 3.78 1.26 -14.75
C PRO A 121 3.47 2.70 -14.34
N ARG A 122 3.64 3.63 -15.29
CA ARG A 122 3.42 5.03 -14.96
C ARG A 122 2.27 5.64 -15.75
N ALA A 123 2.52 6.04 -16.99
CA ALA A 123 1.51 6.72 -17.79
C ALA A 123 0.29 5.82 -17.98
N LEU A 124 -0.89 6.43 -17.93
CA LEU A 124 -2.15 5.69 -17.99
C LEU A 124 -3.15 6.48 -18.81
N ALA A 125 -3.83 5.80 -19.73
CA ALA A 125 -4.81 6.42 -20.61
C ALA A 125 -5.98 5.48 -20.79
N LEU A 126 -7.20 6.01 -20.69
CA LEU A 126 -8.40 5.20 -20.70
C LEU A 126 -9.24 5.46 -21.95
N ASP A 127 -10.00 4.44 -22.33
CA ASP A 127 -10.94 4.54 -23.45
C ASP A 127 -12.13 3.67 -23.11
N PRO A 128 -13.05 4.16 -22.28
CA PRO A 128 -14.21 3.34 -21.88
C PRO A 128 -15.27 3.24 -22.96
N ALA A 129 -15.29 4.14 -23.93
CA ALA A 129 -16.23 4.01 -25.04
C ALA A 129 -15.98 2.72 -25.82
N GLU A 130 -14.73 2.28 -25.90
CA GLU A 130 -14.38 1.02 -26.53
C GLU A 130 -14.01 -0.07 -25.54
N GLY A 131 -13.72 0.29 -24.29
CA GLY A 131 -13.44 -0.70 -23.26
C GLY A 131 -11.98 -1.11 -23.18
N PHE A 132 -11.07 -0.16 -23.37
CA PHE A 132 -9.65 -0.46 -23.37
C PHE A 132 -8.90 0.52 -22.48
N MET A 133 -7.82 0.05 -21.87
CA MET A 133 -6.90 0.86 -21.11
C MET A 133 -5.48 0.60 -21.59
N TYR A 134 -4.69 1.67 -21.63
CA TYR A 134 -3.33 1.62 -22.15
C TYR A 134 -2.40 2.23 -21.12
N TRP A 135 -1.20 1.65 -20.98
CA TRP A 135 -0.23 2.19 -20.04
C TRP A 135 1.17 1.92 -20.53
N THR A 136 2.14 2.52 -19.85
CA THR A 136 3.55 2.37 -20.17
C THR A 136 4.29 1.82 -18.96
N GLU A 137 5.19 0.89 -19.21
CA GLU A 137 6.07 0.32 -18.19
C GLU A 137 7.50 0.75 -18.46
N TRP A 138 8.14 1.28 -17.43
CA TRP A 138 9.49 1.84 -17.50
C TRP A 138 10.57 0.86 -17.08
N GLY A 139 10.23 -0.37 -16.76
CA GLY A 139 11.20 -1.33 -16.26
C GLY A 139 12.15 -1.86 -17.31
N GLY A 140 12.71 -3.05 -17.05
CA GLY A 140 13.61 -3.69 -17.99
C GLY A 140 12.96 -3.91 -19.34
N LYS A 141 13.57 -3.32 -20.37
CA LYS A 141 12.99 -3.25 -21.71
C LYS A 141 11.61 -2.61 -21.62
N PRO A 142 11.54 -1.28 -21.51
CA PRO A 142 10.24 -0.61 -21.36
C PRO A 142 9.32 -0.90 -22.52
N LYS A 143 8.01 -0.74 -22.27
CA LYS A 143 7.04 -1.06 -23.30
C LYS A 143 5.72 -0.36 -23.01
N ILE A 144 4.77 -0.51 -23.93
CA ILE A 144 3.43 0.04 -23.80
C ILE A 144 2.44 -1.11 -23.94
N ASP A 145 1.66 -1.33 -22.89
CA ASP A 145 0.71 -2.44 -22.83
C ASP A 145 -0.72 -1.96 -22.92
N ARG A 146 -1.58 -2.83 -23.43
CA ARG A 146 -3.01 -2.60 -23.51
C ARG A 146 -3.75 -3.76 -22.85
N ALA A 147 -4.81 -3.44 -22.12
CA ALA A 147 -5.66 -4.46 -21.53
C ALA A 147 -7.10 -3.97 -21.53
N ALA A 148 -8.04 -4.88 -21.34
CA ALA A 148 -9.41 -4.47 -21.10
C ALA A 148 -9.48 -3.71 -19.78
N MET A 149 -10.46 -2.82 -19.67
CA MET A 149 -10.50 -1.99 -18.46
C MET A 149 -10.92 -2.77 -17.21
N ASP A 150 -11.05 -4.09 -17.28
CA ASP A 150 -11.21 -4.92 -16.10
C ASP A 150 -9.94 -5.71 -15.77
N GLY A 151 -8.87 -5.54 -16.55
CA GLY A 151 -7.61 -6.21 -16.32
C GLY A 151 -7.31 -7.36 -17.26
N SER A 152 -8.30 -7.82 -18.03
CA SER A 152 -8.11 -8.98 -18.89
C SER A 152 -7.58 -8.56 -20.25
N GLU A 153 -7.32 -9.57 -21.10
CA GLU A 153 -6.85 -9.36 -22.48
C GLU A 153 -5.56 -8.57 -22.55
N ARG A 154 -4.73 -8.65 -21.52
CA ARG A 154 -3.51 -7.85 -21.46
C ARG A 154 -2.51 -8.35 -22.49
N THR A 155 -2.15 -7.49 -23.44
CA THR A 155 -1.13 -7.74 -24.44
C THR A 155 -0.10 -6.63 -24.40
N THR A 156 0.95 -6.77 -25.21
CA THR A 156 1.97 -5.75 -25.36
C THR A 156 1.74 -5.04 -26.69
N LEU A 157 1.49 -3.73 -26.62
CA LEU A 157 1.15 -2.96 -27.81
C LEU A 157 2.40 -2.40 -28.51
N VAL A 158 3.32 -1.81 -27.74
CA VAL A 158 4.55 -1.27 -28.30
C VAL A 158 5.74 -1.85 -27.55
N PRO A 159 6.53 -2.73 -28.17
CA PRO A 159 7.65 -3.34 -27.44
C PRO A 159 8.98 -2.62 -27.64
N ASN A 160 9.14 -1.94 -28.76
CA ASN A 160 10.44 -1.36 -29.12
C ASN A 160 10.71 0.00 -28.49
N VAL A 161 9.70 0.65 -27.93
CA VAL A 161 9.86 2.02 -27.44
C VAL A 161 10.70 2.02 -26.16
N GLY A 162 11.20 3.21 -25.82
CA GLY A 162 11.86 3.44 -24.54
C GLY A 162 10.87 3.84 -23.48
N ARG A 163 11.40 4.47 -22.42
CA ARG A 163 10.57 4.96 -21.33
C ARG A 163 9.56 5.99 -21.83
N ALA A 164 8.30 5.62 -21.89
CA ALA A 164 7.25 6.47 -22.45
C ALA A 164 6.46 7.16 -21.36
N ASN A 165 6.10 8.42 -21.60
CA ASN A 165 5.29 9.20 -20.69
C ASN A 165 4.29 10.02 -21.51
N GLY A 166 3.29 10.57 -20.82
CA GLY A 166 2.31 11.41 -21.47
C GLY A 166 1.42 10.69 -22.45
N LEU A 167 1.12 9.41 -22.20
CA LEU A 167 0.26 8.64 -23.08
C LEU A 167 -1.12 9.29 -23.19
N THR A 168 -1.47 9.72 -24.40
CA THR A 168 -2.68 10.49 -24.63
C THR A 168 -3.42 9.94 -25.84
N ILE A 169 -4.74 9.90 -25.75
CA ILE A 169 -5.58 9.27 -26.77
C ILE A 169 -6.35 10.36 -27.52
N ASP A 170 -6.17 10.40 -28.83
CA ASP A 170 -7.02 11.18 -29.72
C ASP A 170 -8.19 10.29 -30.13
N TYR A 171 -9.37 10.57 -29.56
CA TYR A 171 -10.53 9.71 -29.75
C TYR A 171 -11.21 9.94 -31.10
N ALA A 172 -11.12 11.15 -31.64
CA ALA A 172 -11.73 11.42 -32.94
C ALA A 172 -10.95 10.73 -34.06
N LYS A 173 -9.65 10.96 -34.14
CA LYS A 173 -8.81 10.33 -35.14
C LYS A 173 -8.42 8.90 -34.77
N ARG A 174 -8.71 8.47 -33.54
CA ARG A 174 -8.39 7.13 -33.07
C ARG A 174 -6.89 6.85 -33.15
N ARG A 175 -6.12 7.63 -32.39
CA ARG A 175 -4.67 7.48 -32.43
C ARG A 175 -4.06 7.70 -31.06
N LEU A 176 -2.94 7.05 -30.81
CA LEU A 176 -2.17 7.20 -29.59
C LEU A 176 -1.02 8.18 -29.81
N TYR A 177 -0.73 8.98 -28.79
CA TYR A 177 0.41 9.89 -28.78
C TYR A 177 1.18 9.67 -27.49
N TRP A 178 2.51 9.72 -27.58
CA TRP A 178 3.34 9.59 -26.39
C TRP A 178 4.71 10.19 -26.66
N THR A 179 5.48 10.36 -25.58
CA THR A 179 6.83 10.88 -25.64
C THR A 179 7.82 9.80 -25.22
N ASP A 180 8.90 9.67 -25.99
CA ASP A 180 10.02 8.79 -25.63
C ASP A 180 11.05 9.62 -24.89
N LEU A 181 11.25 9.31 -23.60
CA LEU A 181 12.17 10.04 -22.75
C LEU A 181 13.62 9.63 -22.95
N ASP A 182 13.88 8.49 -23.59
CA ASP A 182 15.24 8.04 -23.82
C ASP A 182 15.79 8.53 -25.14
N THR A 183 14.98 8.52 -26.20
CA THR A 183 15.35 9.13 -27.46
C THR A 183 14.89 10.58 -27.55
N ASN A 184 14.14 11.06 -26.57
CA ASN A 184 13.70 12.47 -26.49
C ASN A 184 12.84 12.85 -27.69
N LEU A 185 11.85 12.02 -28.00
CA LEU A 185 11.02 12.21 -29.18
C LEU A 185 9.54 12.28 -28.81
N ILE A 186 8.72 12.65 -29.79
CA ILE A 186 7.27 12.61 -29.68
C ILE A 186 6.74 11.77 -30.83
N GLU A 187 6.10 10.64 -30.50
CA GLU A 187 5.63 9.67 -31.47
C GLU A 187 4.12 9.50 -31.36
N SER A 188 3.55 8.91 -32.41
CA SER A 188 2.13 8.58 -32.48
C SER A 188 1.96 7.27 -33.23
N SER A 189 0.86 6.57 -32.94
CA SER A 189 0.52 5.33 -33.63
C SER A 189 -1.00 5.25 -33.73
N ASN A 190 -1.48 4.18 -34.35
CA ASN A 190 -2.91 3.91 -34.34
C ASN A 190 -3.26 3.12 -33.09
N MET A 191 -4.51 2.69 -32.96
CA MET A 191 -4.97 2.03 -31.75
C MET A 191 -4.36 0.65 -31.55
N LEU A 192 -3.66 0.11 -32.54
CA LEU A 192 -3.05 -1.22 -32.42
C LEU A 192 -1.54 -1.17 -32.35
N GLY A 193 -0.96 0.01 -32.14
CA GLY A 193 0.49 0.14 -32.15
C GLY A 193 1.12 0.12 -33.53
N LEU A 194 0.31 0.19 -34.58
CA LEU A 194 0.79 0.21 -35.96
C LEU A 194 0.67 1.62 -36.52
N ASN A 195 1.08 1.76 -37.79
CA ASN A 195 1.13 3.06 -38.46
C ASN A 195 1.88 4.07 -37.61
N ARG A 196 3.05 3.65 -37.11
CA ARG A 196 3.81 4.44 -36.16
C ARG A 196 4.55 5.56 -36.87
N GLU A 197 4.36 6.79 -36.37
CA GLU A 197 4.97 7.97 -36.95
C GLU A 197 5.71 8.76 -35.87
N VAL A 198 6.75 9.46 -36.28
CA VAL A 198 7.52 10.32 -35.40
C VAL A 198 7.02 11.74 -35.60
N ILE A 199 6.25 12.24 -34.62
CA ILE A 199 5.68 13.59 -34.74
C ILE A 199 6.76 14.65 -34.62
N ALA A 200 7.65 14.51 -33.64
CA ALA A 200 8.72 15.49 -33.44
C ALA A 200 9.99 14.79 -33.00
N ASP A 201 11.11 15.17 -33.62
CA ASP A 201 12.39 14.53 -33.37
C ASP A 201 13.49 15.49 -32.94
N ASP A 202 13.24 16.80 -32.91
CA ASP A 202 14.26 17.79 -32.59
C ASP A 202 14.02 18.50 -31.27
N LEU A 203 13.04 18.05 -30.48
CA LEU A 203 12.73 18.73 -29.24
C LEU A 203 13.76 18.39 -28.16
N PRO A 204 14.07 19.35 -27.28
CA PRO A 204 15.08 19.12 -26.23
C PRO A 204 14.80 17.91 -25.35
N HIS A 205 13.71 17.96 -24.58
CA HIS A 205 13.31 16.83 -23.75
C HIS A 205 11.83 16.95 -23.41
N PRO A 206 10.96 16.52 -24.34
CA PRO A 206 9.53 16.51 -24.04
C PRO A 206 9.20 15.49 -22.96
N PHE A 207 8.31 15.88 -22.05
CA PHE A 207 7.93 15.00 -20.95
C PHE A 207 6.43 14.72 -20.96
N GLY A 208 5.66 15.55 -20.26
CA GLY A 208 4.22 15.40 -20.28
C GLY A 208 3.63 15.70 -21.64
N LEU A 209 2.43 15.18 -21.87
CA LEU A 209 1.81 15.30 -23.19
C LEU A 209 0.30 15.29 -23.05
N THR A 210 -0.35 16.02 -23.95
CA THR A 210 -1.81 16.01 -24.09
C THR A 210 -2.14 16.54 -25.48
N GLN A 211 -3.38 16.31 -25.90
CA GLN A 211 -3.82 16.61 -27.26
C GLN A 211 -5.17 17.29 -27.23
N TYR A 212 -5.36 18.27 -28.11
CA TYR A 212 -6.66 18.94 -28.23
C TYR A 212 -6.80 19.49 -29.64
N GLN A 213 -7.92 19.16 -30.28
CA GLN A 213 -8.24 19.59 -31.66
C GLN A 213 -7.08 19.15 -32.56
N ASP A 214 -6.46 20.04 -33.32
CA ASP A 214 -5.35 19.70 -34.20
C ASP A 214 -4.00 20.00 -33.57
N TYR A 215 -3.95 20.28 -32.27
CA TYR A 215 -2.72 20.70 -31.62
C TYR A 215 -2.33 19.73 -30.52
N ILE A 216 -1.01 19.59 -30.35
CA ILE A 216 -0.40 18.78 -29.30
C ILE A 216 0.31 19.71 -28.34
N TYR A 217 0.02 19.56 -27.06
CA TYR A 217 0.67 20.33 -26.00
C TYR A 217 1.59 19.41 -25.22
N TRP A 218 2.82 19.86 -24.99
CA TRP A 218 3.79 19.08 -24.23
C TRP A 218 4.55 19.99 -23.29
N THR A 219 5.15 19.39 -22.27
CA THR A 219 6.09 20.08 -21.39
C THR A 219 7.51 19.71 -21.77
N ASP A 220 8.44 20.56 -21.36
CA ASP A 220 9.86 20.34 -21.64
C ASP A 220 10.64 20.71 -20.39
N TRP A 221 11.28 19.70 -19.78
CA TRP A 221 12.09 19.90 -18.58
C TRP A 221 13.44 20.52 -18.88
N SER A 222 13.93 20.42 -20.11
CA SER A 222 15.15 21.13 -20.48
C SER A 222 14.86 22.61 -20.73
N ARG A 223 14.01 22.90 -21.72
CA ARG A 223 13.58 24.28 -21.97
C ARG A 223 12.68 24.81 -20.88
N ARG A 224 12.17 23.95 -20.00
CA ARG A 224 11.30 24.35 -18.88
C ARG A 224 10.08 25.12 -19.39
N SER A 225 9.35 24.51 -20.32
CA SER A 225 8.31 25.23 -21.03
C SER A 225 7.10 24.35 -21.30
N ILE A 226 6.03 24.99 -21.74
CA ILE A 226 4.83 24.33 -22.25
C ILE A 226 4.63 24.81 -23.68
N GLU A 227 4.63 23.87 -24.63
CA GLU A 227 4.58 24.22 -26.05
C GLU A 227 3.46 23.42 -26.72
N ARG A 228 3.15 23.81 -27.95
CA ARG A 228 2.16 23.10 -28.76
C ARG A 228 2.58 23.15 -30.22
N ALA A 229 2.08 22.19 -30.99
CA ALA A 229 2.42 22.10 -32.40
C ALA A 229 1.34 21.33 -33.15
N ASN A 230 1.31 21.51 -34.46
CA ASN A 230 0.41 20.75 -35.33
C ASN A 230 0.61 19.26 -35.10
N LYS A 231 -0.46 18.56 -34.74
CA LYS A 231 -0.38 17.16 -34.39
C LYS A 231 -0.04 16.25 -35.56
N THR A 232 -0.15 16.74 -36.79
CA THR A 232 0.14 15.94 -37.98
C THR A 232 1.58 16.17 -38.48
N SER A 233 1.88 17.40 -38.92
CA SER A 233 3.20 17.70 -39.45
C SER A 233 4.24 17.87 -38.35
N GLY A 234 3.84 18.35 -37.19
CA GLY A 234 4.76 18.63 -36.12
C GLY A 234 5.35 20.02 -36.14
N GLN A 235 4.86 20.92 -36.99
CA GLN A 235 5.36 22.27 -37.12
C GLN A 235 4.34 23.27 -36.56
N ASN A 236 4.53 24.54 -36.90
CA ASN A 236 3.77 25.65 -36.31
C ASN A 236 3.82 25.57 -34.79
N ARG A 237 5.04 25.50 -34.27
CA ARG A 237 5.27 25.41 -32.84
C ARG A 237 5.24 26.79 -32.21
N THR A 238 4.54 26.91 -31.08
CA THR A 238 4.52 28.12 -30.29
C THR A 238 4.75 27.77 -28.83
N ILE A 239 5.42 28.65 -28.11
CA ILE A 239 5.67 28.47 -26.70
C ILE A 239 4.54 29.13 -25.92
N ILE A 240 3.76 28.33 -25.19
CA ILE A 240 2.65 28.87 -24.42
C ILE A 240 3.16 29.67 -23.24
N GLN A 241 4.10 29.11 -22.49
CA GLN A 241 4.68 29.80 -21.34
C GLN A 241 6.00 29.12 -20.98
N GLY A 242 6.98 29.94 -20.56
CA GLY A 242 8.26 29.45 -20.15
C GLY A 242 8.52 29.63 -18.66
N HIS A 243 9.75 29.33 -18.27
CA HIS A 243 10.19 29.44 -16.87
C HIS A 243 9.36 28.53 -15.96
N LEU A 244 8.97 27.37 -16.46
CA LEU A 244 8.18 26.39 -15.72
C LEU A 244 9.00 25.11 -15.61
N ASP A 245 9.69 24.93 -14.49
CA ASP A 245 10.56 23.78 -14.29
C ASP A 245 9.81 22.66 -13.59
N TYR A 246 9.95 21.44 -14.11
CA TYR A 246 9.46 20.21 -13.49
C TYR A 246 7.92 20.22 -13.37
N VAL A 247 7.28 20.35 -14.53
CA VAL A 247 5.83 20.25 -14.62
C VAL A 247 5.47 18.78 -14.77
N MET A 248 4.79 18.23 -13.77
CA MET A 248 4.60 16.78 -13.71
C MET A 248 3.59 16.30 -14.74
N ASP A 249 2.39 16.87 -14.75
CA ASP A 249 1.36 16.46 -15.69
C ASP A 249 0.70 17.71 -16.28
N ILE A 250 -0.07 17.48 -17.35
CA ILE A 250 -0.72 18.56 -18.07
C ILE A 250 -1.83 17.96 -18.91
N LEU A 251 -2.93 18.70 -19.05
CA LEU A 251 -4.09 18.18 -19.78
C LEU A 251 -5.02 19.31 -20.15
N VAL A 252 -5.91 19.04 -21.09
CA VAL A 252 -6.90 19.99 -21.57
C VAL A 252 -8.23 19.68 -20.89
N PHE A 253 -8.81 20.69 -20.25
CA PHE A 253 -10.11 20.56 -19.59
C PHE A 253 -11.18 21.06 -20.55
N HIS A 254 -11.84 20.12 -21.23
CA HIS A 254 -12.94 20.47 -22.11
C HIS A 254 -13.87 19.27 -22.24
N SER A 255 -15.16 19.56 -22.42
CA SER A 255 -16.17 18.51 -22.48
C SER A 255 -15.93 17.56 -23.65
N SER A 256 -15.44 18.09 -24.77
CA SER A 256 -15.23 17.27 -25.96
C SER A 256 -14.23 16.15 -25.72
N ARG A 257 -13.42 16.25 -24.65
CA ARG A 257 -12.48 15.19 -24.32
C ARG A 257 -13.17 13.97 -23.71
N GLN A 258 -14.33 14.15 -23.08
CA GLN A 258 -15.01 13.09 -22.36
C GLN A 258 -16.40 12.85 -22.97
N SER A 259 -16.41 12.20 -24.13
CA SER A 259 -17.64 11.82 -24.81
C SER A 259 -17.79 10.31 -24.80
N GLY A 260 -18.81 9.82 -25.50
CA GLY A 260 -19.08 8.40 -25.56
C GLY A 260 -20.10 7.95 -24.54
N TRP A 261 -20.34 6.64 -24.51
CA TRP A 261 -21.32 6.06 -23.59
C TRP A 261 -21.16 4.54 -23.56
N ASN A 262 -21.35 3.97 -22.37
CA ASN A 262 -21.55 2.54 -22.21
C ASN A 262 -22.66 2.35 -21.17
N GLU A 263 -22.98 1.08 -20.89
CA GLU A 263 -24.10 0.79 -19.99
C GLU A 263 -23.82 1.26 -18.57
N CYS A 264 -22.54 1.29 -18.16
CA CYS A 264 -22.19 1.75 -16.82
C CYS A 264 -22.65 3.18 -16.57
N ALA A 265 -22.65 4.02 -17.61
CA ALA A 265 -23.08 5.40 -17.44
C ALA A 265 -24.59 5.48 -17.27
N SER A 266 -25.34 4.61 -17.96
CA SER A 266 -26.79 4.66 -17.88
C SER A 266 -27.28 4.10 -16.55
N SER A 267 -26.88 2.88 -16.19
CA SER A 267 -27.44 2.25 -15.01
C SER A 267 -26.40 1.55 -14.14
N ASN A 268 -25.12 1.89 -14.30
CA ASN A 268 -24.03 1.20 -13.61
C ASN A 268 -24.06 -0.30 -13.91
N GLY A 269 -24.59 -0.65 -15.08
CA GLY A 269 -24.71 -2.04 -15.50
C GLY A 269 -25.49 -2.92 -14.54
N HIS A 270 -26.27 -2.33 -13.65
CA HIS A 270 -26.98 -3.08 -12.59
C HIS A 270 -26.01 -3.92 -11.78
N CYS A 271 -24.78 -3.44 -11.62
CA CYS A 271 -23.78 -4.10 -10.79
C CYS A 271 -23.89 -3.61 -9.35
N SER A 272 -23.55 -4.50 -8.42
CA SER A 272 -23.65 -4.15 -7.01
C SER A 272 -22.54 -3.20 -6.59
N HIS A 273 -21.33 -3.36 -7.15
CA HIS A 273 -20.20 -2.57 -6.70
C HIS A 273 -19.52 -1.85 -7.86
N LEU A 274 -18.80 -2.57 -8.71
CA LEU A 274 -18.04 -1.96 -9.79
C LEU A 274 -18.66 -2.31 -11.14
N CYS A 275 -18.54 -1.36 -12.08
CA CYS A 275 -18.94 -1.56 -13.47
C CYS A 275 -17.73 -1.19 -14.33
N LEU A 276 -17.04 -2.20 -14.85
CA LEU A 276 -15.82 -1.99 -15.62
C LEU A 276 -16.11 -2.20 -17.10
N ALA A 277 -15.44 -1.43 -17.95
CA ALA A 277 -15.67 -1.48 -19.38
C ALA A 277 -14.81 -2.56 -20.03
N VAL A 278 -15.40 -3.26 -21.00
CA VAL A 278 -14.70 -4.31 -21.74
C VAL A 278 -15.08 -4.21 -23.21
N PRO A 279 -14.24 -4.75 -24.10
CA PRO A 279 -14.58 -4.73 -25.52
C PRO A 279 -15.76 -5.63 -25.83
N VAL A 280 -16.58 -5.20 -26.80
CA VAL A 280 -16.39 -3.94 -27.49
C VAL A 280 -17.50 -2.98 -27.09
N GLY A 281 -17.14 -1.98 -26.30
CA GLY A 281 -18.13 -1.08 -25.71
C GLY A 281 -19.00 -1.71 -24.66
N GLY A 282 -18.74 -2.96 -24.30
CA GLY A 282 -19.51 -3.66 -23.29
C GLY A 282 -19.00 -3.39 -21.89
N PHE A 283 -19.42 -4.25 -20.97
CA PHE A 283 -19.10 -4.07 -19.56
C PHE A 283 -19.18 -5.41 -18.84
N VAL A 284 -18.47 -5.48 -17.72
CA VAL A 284 -18.61 -6.58 -16.77
C VAL A 284 -18.65 -5.98 -15.38
N CYS A 285 -19.33 -6.67 -14.47
CA CYS A 285 -19.39 -6.25 -13.08
C CYS A 285 -18.11 -6.64 -12.36
N GLY A 286 -17.60 -5.73 -11.53
CA GLY A 286 -16.43 -6.00 -10.73
C GLY A 286 -16.72 -5.90 -9.24
N CYS A 287 -15.88 -6.51 -8.43
CA CYS A 287 -16.06 -6.57 -6.99
C CYS A 287 -14.91 -5.89 -6.27
N PRO A 288 -15.11 -5.47 -5.03
CA PRO A 288 -13.99 -4.95 -4.24
C PRO A 288 -12.90 -6.00 -4.08
N ALA A 289 -11.77 -5.56 -3.55
CA ALA A 289 -10.66 -6.47 -3.32
C ALA A 289 -11.08 -7.60 -2.39
N HIS A 290 -10.66 -8.81 -2.73
CA HIS A 290 -10.92 -10.03 -1.96
C HIS A 290 -12.39 -10.47 -2.09
N TYR A 291 -13.24 -9.63 -2.64
CA TYR A 291 -14.63 -10.01 -2.89
C TYR A 291 -14.72 -10.90 -4.12
N SER A 292 -15.74 -11.74 -4.16
CA SER A 292 -15.99 -12.64 -5.27
C SER A 292 -17.33 -12.32 -5.91
N LEU A 293 -17.43 -12.57 -7.21
CA LEU A 293 -18.65 -12.29 -7.97
C LEU A 293 -19.57 -13.51 -7.93
N ASN A 294 -20.85 -13.26 -7.68
CA ASN A 294 -21.81 -14.33 -7.53
C ASN A 294 -22.22 -14.89 -8.89
N ALA A 295 -23.14 -15.86 -8.88
CA ALA A 295 -23.58 -16.51 -10.11
C ALA A 295 -24.42 -15.60 -10.99
N ASP A 296 -25.06 -14.59 -10.41
CA ASP A 296 -25.88 -13.67 -11.19
C ASP A 296 -25.06 -12.65 -11.98
N ASN A 297 -23.74 -12.68 -11.84
CA ASN A 297 -22.84 -11.76 -12.54
C ASN A 297 -23.10 -10.30 -12.23
N ARG A 298 -23.73 -10.03 -11.08
CA ARG A 298 -24.09 -8.67 -10.70
C ARG A 298 -23.70 -8.33 -9.27
N THR A 299 -23.90 -9.25 -8.33
CA THR A 299 -23.69 -8.99 -6.92
C THR A 299 -22.37 -9.60 -6.44
N CYS A 300 -21.80 -8.98 -5.41
CA CYS A 300 -20.52 -9.38 -4.86
C CYS A 300 -20.68 -9.89 -3.44
N SER A 301 -19.82 -10.83 -3.07
CA SER A 301 -19.83 -11.43 -1.74
C SER A 301 -18.49 -11.19 -1.06
N ALA A 302 -18.53 -10.75 0.19
CA ALA A 302 -17.32 -10.53 0.96
C ALA A 302 -16.62 -11.86 1.23
N PRO A 303 -15.29 -11.85 1.42
CA PRO A 303 -14.59 -13.10 1.73
C PRO A 303 -15.01 -13.62 3.10
N THR A 304 -15.17 -14.94 3.19
CA THR A 304 -15.64 -15.60 4.40
C THR A 304 -14.50 -16.10 5.29
N THR A 305 -13.46 -16.67 4.70
CA THR A 305 -12.27 -17.09 5.45
C THR A 305 -11.06 -16.29 4.94
N PHE A 306 -10.26 -15.80 5.87
CA PHE A 306 -9.13 -14.96 5.52
C PHE A 306 -8.23 -14.80 6.74
N LEU A 307 -7.10 -14.12 6.55
CA LEU A 307 -6.17 -13.81 7.62
C LEU A 307 -6.16 -12.30 7.87
N LEU A 308 -5.69 -11.92 9.06
CA LEU A 308 -5.61 -10.52 9.45
C LEU A 308 -4.32 -10.34 10.26
N PHE A 309 -3.31 -9.74 9.65
CA PHE A 309 -2.05 -9.47 10.35
C PHE A 309 -1.89 -7.97 10.53
N SER A 310 -1.64 -7.55 11.77
CA SER A 310 -1.59 -6.14 12.13
C SER A 310 -0.19 -5.76 12.59
N GLN A 311 0.25 -4.58 12.18
CA GLN A 311 1.51 -3.99 12.59
C GLN A 311 1.23 -2.73 13.41
N LYS A 312 2.30 -2.01 13.77
CA LYS A 312 2.18 -0.88 14.68
C LYS A 312 1.25 0.20 14.14
N SER A 313 1.12 0.31 12.81
CA SER A 313 0.35 1.38 12.21
C SER A 313 -0.71 0.92 11.22
N ALA A 314 -0.92 -0.38 11.05
CA ALA A 314 -1.86 -0.86 10.05
C ALA A 314 -2.42 -2.21 10.45
N ILE A 315 -3.57 -2.55 9.88
CA ILE A 315 -4.20 -3.84 10.03
C ILE A 315 -4.53 -4.36 8.63
N ASN A 316 -3.97 -5.51 8.27
CA ASN A 316 -4.03 -6.02 6.91
C ASN A 316 -4.78 -7.35 6.84
N ARG A 317 -5.29 -7.65 5.65
CA ARG A 317 -6.10 -8.83 5.40
C ARG A 317 -5.49 -9.65 4.27
N MET A 318 -5.28 -10.94 4.52
CA MET A 318 -4.75 -11.88 3.54
C MET A 318 -5.86 -12.80 3.06
N VAL A 319 -5.78 -13.20 1.79
CA VAL A 319 -6.72 -14.15 1.20
C VAL A 319 -5.93 -15.16 0.38
N ILE A 320 -6.24 -16.44 0.55
CA ILE A 320 -5.62 -17.53 -0.18
C ILE A 320 -6.55 -17.94 -1.30
N ASP A 321 -6.17 -17.66 -2.54
CA ASP A 321 -6.91 -18.06 -3.72
C ASP A 321 -5.92 -18.49 -4.79
N GLU A 322 -6.45 -19.17 -5.82
CA GLU A 322 -5.60 -19.69 -6.89
C GLU A 322 -4.96 -18.58 -7.72
N GLN A 323 -5.56 -17.39 -7.74
CA GLN A 323 -4.99 -16.26 -8.48
C GLN A 323 -4.01 -15.45 -7.64
N GLN A 324 -3.82 -15.81 -6.36
CA GLN A 324 -2.88 -15.15 -5.46
C GLN A 324 -3.14 -13.64 -5.41
N SER A 325 -4.28 -13.32 -4.81
CA SER A 325 -4.70 -11.92 -4.72
C SER A 325 -3.78 -11.17 -3.75
N PRO A 326 -3.44 -9.91 -4.05
CA PRO A 326 -2.57 -9.15 -3.14
C PRO A 326 -3.25 -8.86 -1.81
N ASP A 327 -2.43 -8.66 -0.79
CA ASP A 327 -2.94 -8.28 0.52
C ASP A 327 -3.51 -6.87 0.47
N ILE A 328 -4.46 -6.60 1.36
CA ILE A 328 -5.15 -5.33 1.42
C ILE A 328 -4.94 -4.70 2.79
N ILE A 329 -4.60 -3.42 2.81
CA ILE A 329 -4.52 -2.66 4.04
C ILE A 329 -5.91 -2.13 4.35
N LEU A 330 -6.44 -2.49 5.51
CA LEU A 330 -7.78 -2.07 5.88
C LEU A 330 -7.80 -0.57 6.18
N PRO A 331 -8.63 0.22 5.50
CA PRO A 331 -8.64 1.66 5.75
C PRO A 331 -9.28 2.05 7.07
N ILE A 332 -8.55 1.84 8.17
CA ILE A 332 -8.99 2.22 9.50
C ILE A 332 -8.07 3.32 10.01
N HIS A 333 -8.66 4.41 10.49
CA HIS A 333 -7.90 5.55 10.95
C HIS A 333 -7.59 5.45 12.44
N SER A 334 -6.66 6.30 12.89
CA SER A 334 -6.26 6.38 14.29
C SER A 334 -5.69 5.04 14.79
N LEU A 335 -4.71 4.53 14.05
CA LEU A 335 -4.00 3.29 14.42
C LEU A 335 -2.61 3.67 14.88
N ARG A 336 -2.42 3.72 16.21
CA ARG A 336 -1.15 4.10 16.81
C ARG A 336 -0.77 3.06 17.85
N ASN A 337 0.30 2.32 17.58
CA ASN A 337 0.86 1.33 18.50
C ASN A 337 -0.17 0.21 18.78
N VAL A 338 -0.36 -0.61 17.75
CA VAL A 338 -1.28 -1.75 17.84
C VAL A 338 -0.54 -2.93 18.46
N ARG A 339 -1.24 -3.68 19.32
CA ARG A 339 -0.62 -4.81 20.01
C ARG A 339 -1.40 -6.13 19.92
N ALA A 340 -2.67 -6.12 19.52
CA ALA A 340 -3.43 -7.35 19.43
C ALA A 340 -4.68 -7.11 18.59
N ILE A 341 -5.21 -8.20 18.02
CA ILE A 341 -6.40 -8.14 17.18
C ILE A 341 -7.22 -9.41 17.38
N ASP A 342 -8.52 -9.30 17.11
CA ASP A 342 -9.44 -10.43 17.07
C ASP A 342 -10.57 -10.04 16.13
N TYR A 343 -11.48 -10.99 15.88
CA TYR A 343 -12.53 -10.77 14.90
C TYR A 343 -13.80 -11.50 15.30
N ASP A 344 -14.93 -10.80 15.22
CA ASP A 344 -16.24 -11.39 15.48
C ASP A 344 -16.86 -11.80 14.15
N PRO A 345 -17.02 -13.11 13.89
CA PRO A 345 -17.59 -13.55 12.61
C PRO A 345 -19.11 -13.56 12.56
N LEU A 346 -19.80 -13.30 13.67
CA LEU A 346 -21.25 -13.27 13.65
C LEU A 346 -21.76 -11.97 13.05
N ASP A 347 -21.38 -10.84 13.65
CA ASP A 347 -21.67 -9.52 13.08
C ASP A 347 -20.61 -9.06 12.10
N LYS A 348 -19.55 -9.86 11.90
CA LYS A 348 -18.47 -9.56 10.96
C LYS A 348 -17.83 -8.21 11.28
N GLN A 349 -17.26 -8.11 12.48
CA GLN A 349 -16.66 -6.85 12.91
C GLN A 349 -15.30 -7.12 13.56
N LEU A 350 -14.34 -6.26 13.25
CA LEU A 350 -12.96 -6.44 13.67
C LEU A 350 -12.69 -5.70 14.98
N TYR A 351 -11.96 -6.34 15.88
CA TYR A 351 -11.60 -5.80 17.18
C TYR A 351 -10.09 -5.74 17.30
N TRP A 352 -9.59 -4.75 18.05
CA TRP A 352 -8.15 -4.63 18.21
C TRP A 352 -7.83 -3.81 19.44
N ILE A 353 -6.58 -3.94 19.88
CA ILE A 353 -6.04 -3.20 21.02
C ILE A 353 -5.15 -2.07 20.50
N ASP A 354 -5.32 -0.88 21.05
CA ASP A 354 -4.49 0.27 20.74
C ASP A 354 -3.77 0.68 22.03
N SER A 355 -2.46 0.48 22.06
CA SER A 355 -1.69 0.71 23.27
C SER A 355 -1.45 2.19 23.54
N ARG A 356 -1.19 2.96 22.48
CA ARG A 356 -0.95 4.39 22.65
C ARG A 356 -2.19 5.08 23.23
N GLN A 357 -3.32 4.98 22.54
CA GLN A 357 -4.57 5.49 23.09
C GLN A 357 -5.03 4.66 24.28
N ASN A 358 -4.54 3.44 24.42
CA ASN A 358 -4.79 2.58 25.58
C ASN A 358 -6.28 2.25 25.70
N MET A 359 -6.75 1.50 24.70
CA MET A 359 -8.16 1.15 24.62
C MET A 359 -8.33 -0.07 23.72
N ILE A 360 -9.52 -0.64 23.75
CA ILE A 360 -9.93 -1.69 22.82
C ILE A 360 -11.02 -1.11 21.92
N ARG A 361 -10.83 -1.22 20.61
CA ARG A 361 -11.71 -0.59 19.64
C ARG A 361 -12.19 -1.63 18.64
N LYS A 362 -13.41 -1.41 18.13
CA LYS A 362 -13.96 -2.27 17.09
C LYS A 362 -14.43 -1.41 15.93
N ALA A 363 -14.40 -2.00 14.73
CA ALA A 363 -14.83 -1.31 13.51
C ALA A 363 -15.03 -2.35 12.42
N GLN A 364 -15.80 -1.96 11.41
CA GLN A 364 -16.00 -2.83 10.25
C GLN A 364 -14.72 -2.86 9.40
N GLU A 365 -14.70 -3.80 8.45
CA GLU A 365 -13.52 -3.98 7.62
C GLU A 365 -13.30 -2.79 6.69
N ASP A 366 -14.36 -2.08 6.33
CA ASP A 366 -14.22 -0.89 5.50
C ASP A 366 -13.88 0.36 6.31
N GLY A 367 -13.92 0.27 7.65
CA GLY A 367 -13.60 1.38 8.52
C GLY A 367 -14.79 2.00 9.22
N SER A 368 -16.01 1.66 8.81
CA SER A 368 -17.19 2.29 9.37
C SER A 368 -17.46 1.79 10.80
N GLN A 369 -18.32 2.53 11.50
CA GLN A 369 -18.83 2.16 12.82
C GLN A 369 -17.69 1.99 13.83
N GLY A 370 -16.93 3.07 14.01
CA GLY A 370 -15.89 3.08 15.02
C GLY A 370 -16.51 3.13 16.41
N PHE A 371 -16.20 2.14 17.24
CA PHE A 371 -16.80 2.03 18.57
C PHE A 371 -15.73 1.67 19.59
N THR A 372 -15.66 2.43 20.67
CA THR A 372 -14.73 2.16 21.76
C THR A 372 -15.46 1.36 22.83
N VAL A 373 -14.92 0.18 23.17
CA VAL A 373 -15.60 -0.72 24.08
C VAL A 373 -15.08 -0.63 25.52
N VAL A 374 -13.88 -0.10 25.72
CA VAL A 374 -13.32 0.03 27.07
C VAL A 374 -12.18 1.04 27.02
N VAL A 375 -12.12 1.90 28.02
CA VAL A 375 -11.09 2.93 28.09
C VAL A 375 -10.89 3.36 29.54
N GLU A 384 -5.61 3.86 35.86
CA GLU A 384 -5.50 3.59 34.43
C GLU A 384 -5.61 2.10 34.14
N ILE A 385 -5.76 1.75 32.86
CA ILE A 385 -5.94 0.37 32.43
C ILE A 385 -5.15 0.17 31.14
N GLN A 386 -4.18 -0.74 31.17
CA GLN A 386 -3.32 -1.03 30.01
C GLN A 386 -3.66 -2.42 29.49
N PRO A 387 -4.58 -2.55 28.53
CA PRO A 387 -4.88 -3.87 27.97
C PRO A 387 -3.71 -4.43 27.19
N TYR A 388 -3.54 -5.75 27.27
CA TYR A 388 -2.40 -6.43 26.64
C TYR A 388 -2.87 -7.32 25.50
N ASP A 389 -3.62 -8.38 25.78
CA ASP A 389 -4.13 -9.28 24.76
C ASP A 389 -5.63 -9.45 24.97
N LEU A 390 -6.32 -9.97 23.95
CA LEU A 390 -7.76 -10.15 24.02
C LEU A 390 -8.16 -11.38 23.22
N SER A 391 -9.31 -11.95 23.59
CA SER A 391 -9.88 -13.10 22.90
C SER A 391 -11.39 -13.06 23.10
N ILE A 392 -12.12 -13.37 22.03
CA ILE A 392 -13.56 -13.15 21.99
C ILE A 392 -14.30 -14.47 22.20
N ASP A 393 -15.24 -14.47 23.14
CA ASP A 393 -16.24 -15.53 23.24
C ASP A 393 -17.37 -15.16 22.28
N ILE A 394 -17.38 -15.78 21.10
CA ILE A 394 -18.39 -15.44 20.09
C ILE A 394 -19.75 -16.03 20.41
N TYR A 395 -19.87 -16.80 21.48
CA TYR A 395 -21.13 -17.39 21.87
C TYR A 395 -21.84 -16.59 22.95
N SER A 396 -21.13 -16.26 24.03
CA SER A 396 -21.66 -15.35 25.04
C SER A 396 -21.52 -13.89 24.65
N ARG A 397 -20.93 -13.61 23.48
CA ARG A 397 -20.69 -12.26 23.00
C ARG A 397 -19.90 -11.45 24.02
N TYR A 398 -18.83 -12.06 24.55
CA TYR A 398 -17.98 -11.44 25.53
C TYR A 398 -16.55 -11.34 25.02
N ILE A 399 -15.80 -10.42 25.62
CA ILE A 399 -14.39 -10.21 25.33
C ILE A 399 -13.62 -10.42 26.62
N TYR A 400 -12.78 -11.46 26.65
CA TYR A 400 -11.85 -11.68 27.73
C TYR A 400 -10.53 -11.01 27.39
N TRP A 401 -10.00 -10.21 28.30
CA TRP A 401 -8.76 -9.49 28.04
C TRP A 401 -8.00 -9.27 29.33
N THR A 402 -6.67 -9.37 29.25
CA THR A 402 -5.78 -9.10 30.38
C THR A 402 -5.32 -7.65 30.37
N CYS A 403 -5.10 -7.13 31.57
CA CYS A 403 -4.58 -5.78 31.75
C CYS A 403 -3.12 -5.85 32.20
N GLU A 404 -2.27 -5.05 31.56
CA GLU A 404 -0.87 -4.98 31.93
C GLU A 404 -0.67 -4.21 33.23
N ALA A 405 -1.52 -3.22 33.51
CA ALA A 405 -1.37 -2.40 34.71
C ALA A 405 -1.90 -3.12 35.94
N THR A 406 -3.21 -3.35 35.99
CA THR A 406 -3.82 -3.99 37.15
C THR A 406 -3.51 -5.48 37.26
N ASN A 407 -2.89 -6.07 36.23
CA ASN A 407 -2.53 -7.48 36.21
C ASN A 407 -3.73 -8.35 36.58
N VAL A 408 -4.69 -8.37 35.66
CA VAL A 408 -6.02 -8.91 35.92
C VAL A 408 -6.63 -9.42 34.62
N ILE A 409 -7.29 -10.57 34.70
CA ILE A 409 -8.16 -11.03 33.63
C ILE A 409 -9.53 -10.39 33.84
N ASN A 410 -9.90 -9.48 32.93
CA ASN A 410 -11.12 -8.70 32.96
C ASN A 410 -11.94 -9.04 31.73
N VAL A 411 -13.26 -9.11 31.89
CA VAL A 411 -14.17 -9.47 30.81
C VAL A 411 -15.18 -8.36 30.62
N THR A 412 -15.46 -8.02 29.36
CA THR A 412 -16.40 -6.94 29.03
C THR A 412 -17.26 -7.38 27.87
N ARG A 413 -18.44 -6.75 27.75
CA ARG A 413 -19.34 -7.08 26.66
C ARG A 413 -18.93 -6.35 25.38
N LEU A 414 -19.56 -6.75 24.27
CA LEU A 414 -19.27 -6.11 22.99
C LEU A 414 -19.81 -4.68 22.95
N ASP A 415 -20.90 -4.41 23.66
CA ASP A 415 -21.46 -3.07 23.72
C ASP A 415 -20.73 -2.16 24.71
N GLY A 416 -19.74 -2.69 25.44
CA GLY A 416 -18.92 -1.90 26.33
C GLY A 416 -19.21 -2.12 27.81
N ARG A 417 -20.38 -2.64 28.15
CA ARG A 417 -20.72 -2.84 29.56
C ARG A 417 -19.95 -4.04 30.11
N SER A 418 -19.22 -3.80 31.20
CA SER A 418 -18.37 -4.84 31.78
C SER A 418 -19.20 -5.87 32.51
N VAL A 419 -18.83 -7.14 32.36
CA VAL A 419 -19.43 -8.18 33.19
C VAL A 419 -18.70 -8.29 34.52
N GLY A 420 -17.40 -7.98 34.54
CA GLY A 420 -16.65 -7.92 35.77
C GLY A 420 -15.29 -8.58 35.64
N VAL A 421 -14.57 -8.59 36.76
CA VAL A 421 -13.24 -9.19 36.82
C VAL A 421 -13.37 -10.67 37.09
N VAL A 422 -12.71 -11.48 36.26
CA VAL A 422 -12.75 -12.92 36.40
C VAL A 422 -11.52 -13.46 37.13
N LEU A 423 -10.33 -12.91 36.85
CA LEU A 423 -9.13 -13.42 37.52
C LEU A 423 -8.31 -12.27 38.10
N LYS A 424 -7.89 -12.43 39.35
CA LYS A 424 -7.04 -11.47 40.04
C LYS A 424 -6.32 -12.17 41.18
N GLY A 425 -5.07 -11.76 41.43
CA GLY A 425 -4.30 -12.30 42.53
C GLY A 425 -2.94 -11.64 42.65
N GLU A 426 -2.39 -11.58 43.86
CA GLU A 426 -1.07 -11.02 44.04
C GLU A 426 -0.01 -11.95 43.49
N GLN A 427 1.11 -11.36 43.07
CA GLN A 427 2.21 -12.10 42.44
C GLN A 427 1.75 -12.81 41.16
N ASP A 428 0.72 -12.26 40.52
CA ASP A 428 0.22 -12.78 39.25
C ASP A 428 0.36 -11.72 38.17
N ARG A 429 0.78 -12.15 36.99
CA ARG A 429 0.92 -11.26 35.84
C ARG A 429 0.41 -11.98 34.59
N PRO A 430 -0.90 -11.92 34.34
CA PRO A 430 -1.44 -12.60 33.16
C PRO A 430 -1.31 -11.76 31.90
N ARG A 431 -0.78 -12.32 30.81
CA ARG A 431 -0.55 -11.54 29.61
C ARG A 431 -1.40 -12.05 28.45
N ALA A 432 -0.88 -13.02 27.69
CA ALA A 432 -1.61 -13.57 26.56
C ALA A 432 -2.80 -14.40 27.04
N VAL A 433 -3.87 -14.39 26.24
CA VAL A 433 -5.12 -15.07 26.56
C VAL A 433 -5.75 -15.64 25.29
N VAL A 434 -6.34 -16.82 25.42
CA VAL A 434 -7.20 -17.38 24.38
C VAL A 434 -8.32 -18.16 25.06
N VAL A 435 -9.53 -18.03 24.54
CA VAL A 435 -10.71 -18.64 25.14
C VAL A 435 -11.18 -19.81 24.28
N ASN A 436 -11.56 -20.89 24.95
CA ASN A 436 -12.14 -22.08 24.31
C ASN A 436 -13.53 -22.28 24.92
N PRO A 437 -14.54 -21.57 24.42
CA PRO A 437 -15.88 -21.69 25.01
C PRO A 437 -16.58 -22.99 24.67
N GLU A 438 -16.16 -23.71 23.64
CA GLU A 438 -16.76 -25.00 23.33
C GLU A 438 -16.56 -25.99 24.48
N LYS A 439 -15.42 -25.90 25.18
CA LYS A 439 -15.15 -26.72 26.35
C LYS A 439 -15.23 -25.92 27.64
N GLY A 440 -15.61 -24.65 27.57
CA GLY A 440 -15.75 -23.83 28.75
C GLY A 440 -14.46 -23.48 29.45
N TYR A 441 -13.33 -23.52 28.76
CA TYR A 441 -12.04 -23.25 29.36
C TYR A 441 -11.43 -21.99 28.76
N MET A 442 -10.37 -21.52 29.42
CA MET A 442 -9.55 -20.43 28.92
C MET A 442 -8.10 -20.71 29.27
N TYR A 443 -7.21 -20.41 28.34
CA TYR A 443 -5.79 -20.64 28.49
C TYR A 443 -5.07 -19.29 28.45
N PHE A 444 -4.03 -19.15 29.26
CA PHE A 444 -3.33 -17.87 29.32
C PHE A 444 -1.93 -18.09 29.86
N THR A 445 -1.07 -17.12 29.60
CA THR A 445 0.29 -17.08 30.14
C THR A 445 0.32 -16.25 31.42
N ASN A 446 1.16 -16.67 32.35
CA ASN A 446 1.38 -15.97 33.61
C ASN A 446 2.89 -15.78 33.76
N LEU A 447 3.35 -14.54 33.52
CA LEU A 447 4.78 -14.23 33.53
C LEU A 447 5.15 -13.69 34.90
N GLN A 448 5.36 -14.59 35.85
CA GLN A 448 5.83 -14.20 37.16
C GLN A 448 7.33 -13.94 37.13
N GLU A 449 7.80 -13.07 38.02
CA GLU A 449 9.21 -12.73 38.06
C GLU A 449 10.03 -13.97 38.36
N ARG A 450 11.09 -14.17 37.57
CA ARG A 450 11.95 -15.37 37.57
C ARG A 450 11.14 -16.67 37.57
N SER A 451 9.88 -16.61 37.13
CA SER A 451 9.03 -17.79 37.07
C SER A 451 7.89 -17.58 36.07
N PRO A 452 8.08 -17.94 34.80
CA PRO A 452 6.97 -17.96 33.86
C PRO A 452 6.17 -19.24 33.99
N LYS A 453 4.97 -19.22 33.43
CA LYS A 453 4.09 -20.38 33.46
C LYS A 453 3.00 -20.22 32.42
N ILE A 454 2.43 -21.35 32.01
CA ILE A 454 1.26 -21.38 31.15
C ILE A 454 0.15 -22.10 31.91
N GLU A 455 -0.96 -21.40 32.12
CA GLU A 455 -2.03 -21.89 32.98
C GLU A 455 -3.35 -21.97 32.21
N ARG A 456 -4.23 -22.82 32.72
CA ARG A 456 -5.60 -22.96 32.24
C ARG A 456 -6.56 -22.77 33.41
N ALA A 457 -7.73 -22.22 33.12
CA ALA A 457 -8.75 -22.04 34.14
C ALA A 457 -10.12 -22.06 33.47
N ALA A 458 -11.17 -22.21 34.28
CA ALA A 458 -12.52 -22.11 33.74
C ALA A 458 -12.84 -20.66 33.38
N LEU A 459 -13.87 -20.48 32.57
CA LEU A 459 -14.23 -19.15 32.09
C LEU A 459 -14.73 -18.24 33.20
N ASP A 460 -14.80 -18.71 34.44
CA ASP A 460 -15.15 -17.88 35.59
C ASP A 460 -13.99 -17.71 36.56
N GLY A 461 -12.78 -18.10 36.18
CA GLY A 461 -11.63 -18.01 37.05
C GLY A 461 -11.43 -19.17 37.99
N THR A 462 -12.40 -20.09 38.08
CA THR A 462 -12.30 -21.23 38.96
C THR A 462 -11.57 -22.38 38.25
N GLU A 463 -11.34 -23.46 39.00
CA GLU A 463 -10.61 -24.63 38.50
C GLU A 463 -9.24 -24.25 37.96
N ARG A 464 -8.67 -23.17 38.50
CA ARG A 464 -7.40 -22.64 38.00
C ARG A 464 -6.28 -23.62 38.32
N GLU A 465 -5.69 -24.20 37.27
CA GLU A 465 -4.58 -25.13 37.41
C GLU A 465 -3.35 -24.57 36.70
N VAL A 466 -2.23 -25.26 36.88
CA VAL A 466 -0.97 -24.93 36.22
C VAL A 466 -0.68 -26.03 35.21
N LEU A 467 -0.45 -25.63 33.95
CA LEU A 467 -0.20 -26.59 32.88
C LEU A 467 1.29 -26.75 32.58
N PHE A 468 1.94 -25.68 32.10
CA PHE A 468 3.34 -25.74 31.70
C PHE A 468 4.18 -24.91 32.65
N PHE A 469 5.21 -25.54 33.21
CA PHE A 469 5.97 -25.00 34.34
C PHE A 469 7.35 -24.49 33.94
N SER A 470 8.23 -25.37 33.47
CA SER A 470 9.60 -25.03 33.15
C SER A 470 9.80 -24.99 31.64
N GLY A 471 10.96 -24.45 31.24
CA GLY A 471 11.31 -24.39 29.84
C GLY A 471 10.82 -23.16 29.10
N LEU A 472 10.59 -22.06 29.81
CA LEU A 472 10.12 -20.83 29.18
C LEU A 472 10.76 -19.60 29.82
N ILE A 476 4.46 -16.11 24.68
CA ILE A 476 4.00 -14.73 24.82
C ILE A 476 2.78 -14.52 23.92
N ALA A 477 2.34 -15.60 23.29
CA ALA A 477 1.13 -15.59 22.47
C ALA A 477 0.62 -17.02 22.33
N LEU A 478 -0.70 -17.17 22.36
CA LEU A 478 -1.34 -18.48 22.30
C LEU A 478 -2.27 -18.56 21.10
N ALA A 479 -2.28 -19.71 20.46
CA ALA A 479 -3.26 -20.05 19.43
C ALA A 479 -3.94 -21.35 19.82
N LEU A 480 -5.16 -21.54 19.34
CA LEU A 480 -5.97 -22.68 19.76
C LEU A 480 -6.75 -23.22 18.56
N ASP A 481 -6.91 -24.53 18.52
CA ASP A 481 -7.72 -25.18 17.49
C ASP A 481 -8.48 -26.34 18.11
N SER A 482 -9.81 -26.29 18.03
CA SER A 482 -10.63 -27.36 18.58
C SER A 482 -10.80 -28.51 17.60
N ARG A 483 -10.78 -28.23 16.30
CA ARG A 483 -10.85 -29.30 15.31
C ARG A 483 -9.68 -30.26 15.45
N LEU A 484 -8.47 -29.72 15.56
CA LEU A 484 -7.29 -30.53 15.85
C LEU A 484 -7.12 -30.83 17.32
N GLY A 485 -7.86 -30.13 18.19
CA GLY A 485 -7.71 -30.33 19.62
C GLY A 485 -6.33 -29.97 20.14
N LYS A 486 -5.69 -28.96 19.56
CA LYS A 486 -4.32 -28.61 19.87
C LYS A 486 -4.20 -27.17 20.31
N LEU A 487 -3.25 -26.93 21.21
CA LEU A 487 -2.90 -25.61 21.71
C LEU A 487 -1.47 -25.30 21.31
N PHE A 488 -1.23 -24.07 20.87
CA PHE A 488 0.07 -23.65 20.37
C PHE A 488 0.53 -22.40 21.10
N TRP A 489 1.85 -22.29 21.29
CA TRP A 489 2.41 -21.09 21.88
C TRP A 489 3.82 -20.88 21.36
N ALA A 490 4.34 -19.66 21.56
CA ALA A 490 5.65 -19.29 21.06
C ALA A 490 6.36 -18.44 22.10
N ASP A 491 7.59 -18.84 22.44
CA ASP A 491 8.41 -18.11 23.40
C ASP A 491 9.48 -17.32 22.65
N SER A 492 9.67 -16.06 23.07
CA SER A 492 10.65 -15.19 22.45
C SER A 492 12.03 -15.29 23.10
N ASP A 493 12.08 -15.52 24.41
CA ASP A 493 13.37 -15.74 25.07
C ASP A 493 14.09 -16.94 24.48
N LEU A 494 13.48 -18.12 24.57
CA LEU A 494 14.03 -19.30 23.91
C LEU A 494 13.89 -19.25 22.40
N ARG A 495 13.06 -18.34 21.87
CA ARG A 495 12.92 -18.11 20.43
C ARG A 495 12.52 -19.39 19.71
N ARG A 496 11.35 -19.91 20.07
CA ARG A 496 10.87 -21.15 19.48
C ARG A 496 9.36 -21.23 19.64
N ILE A 497 8.78 -22.24 18.99
CA ILE A 497 7.33 -22.43 18.94
C ILE A 497 7.02 -23.87 19.28
N GLU A 498 6.04 -24.08 20.15
CA GLU A 498 5.68 -25.41 20.63
C GLU A 498 4.17 -25.63 20.52
N SER A 499 3.79 -26.91 20.52
CA SER A 499 2.40 -27.35 20.44
C SER A 499 2.15 -28.41 21.51
N SER A 500 0.89 -28.64 21.80
CA SER A 500 0.48 -29.66 22.77
C SER A 500 -1.02 -29.91 22.58
N ASP A 501 -1.55 -30.84 23.37
CA ASP A 501 -2.98 -31.08 23.40
C ASP A 501 -3.65 -30.14 24.40
N LEU A 502 -4.97 -29.99 24.25
CA LEU A 502 -5.72 -29.13 25.16
C LEU A 502 -5.65 -29.63 26.59
N SER A 503 -5.53 -30.96 26.78
CA SER A 503 -5.44 -31.52 28.12
C SER A 503 -4.07 -31.34 28.75
N GLY A 504 -3.03 -31.13 27.95
CA GLY A 504 -1.68 -30.95 28.45
C GLY A 504 -0.71 -32.03 28.02
N ALA A 505 -1.16 -33.07 27.33
CA ALA A 505 -0.29 -34.14 26.88
C ALA A 505 0.33 -33.81 25.53
N ASN A 506 1.43 -34.49 25.22
CA ASN A 506 2.11 -34.39 23.93
C ASN A 506 2.63 -32.97 23.67
N ARG A 507 3.46 -32.50 24.59
CA ARG A 507 4.14 -31.21 24.41
C ARG A 507 5.28 -31.42 23.42
N ILE A 508 5.00 -31.17 22.14
CA ILE A 508 5.94 -31.39 21.06
C ILE A 508 6.47 -30.04 20.60
N VAL A 509 7.78 -29.93 20.46
CA VAL A 509 8.40 -28.71 19.96
C VAL A 509 8.26 -28.68 18.43
N LEU A 510 7.75 -27.57 17.90
CA LEU A 510 7.65 -27.41 16.46
C LEU A 510 9.01 -27.00 15.91
N GLU A 511 9.05 -26.47 14.69
CA GLU A 511 10.31 -26.00 14.14
C GLU A 511 10.83 -24.83 14.96
N ASP A 512 11.98 -25.02 15.62
CA ASP A 512 12.54 -24.03 16.52
C ASP A 512 13.75 -23.29 15.94
N SER A 513 14.29 -23.76 14.82
CA SER A 513 15.43 -23.13 14.20
C SER A 513 14.98 -22.03 13.23
N ASN A 514 15.91 -21.13 12.92
CA ASN A 514 15.66 -20.01 12.00
C ASN A 514 14.52 -19.12 12.49
N ILE A 515 14.36 -19.02 13.81
CA ILE A 515 13.36 -18.15 14.43
C ILE A 515 14.09 -17.18 15.36
N LEU A 516 13.75 -15.90 15.26
CA LEU A 516 14.41 -14.85 16.01
C LEU A 516 13.53 -14.27 17.11
N GLN A 517 12.32 -13.83 16.78
CA GLN A 517 11.44 -13.19 17.76
C GLN A 517 9.99 -13.43 17.34
N PRO A 518 9.41 -14.57 17.72
CA PRO A 518 8.01 -14.82 17.39
C PRO A 518 7.08 -13.99 18.25
N VAL A 519 5.97 -13.52 17.66
CA VAL A 519 5.08 -12.62 18.39
C VAL A 519 3.63 -13.10 18.32
N GLY A 520 3.23 -13.68 17.19
CA GLY A 520 1.85 -14.07 17.00
C GLY A 520 1.74 -15.45 16.37
N LEU A 521 0.57 -16.07 16.59
CA LEU A 521 0.26 -17.40 16.10
C LEU A 521 -1.24 -17.53 15.84
N THR A 522 -1.59 -18.23 14.77
CA THR A 522 -2.96 -18.67 14.52
C THR A 522 -2.96 -19.96 13.73
N VAL A 523 -4.15 -20.52 13.54
CA VAL A 523 -4.36 -21.75 12.79
C VAL A 523 -5.32 -21.43 11.66
N PHE A 524 -4.85 -21.53 10.42
CA PHE A 524 -5.66 -21.31 9.23
C PHE A 524 -5.81 -22.64 8.50
N GLU A 525 -7.01 -23.23 8.59
CA GLU A 525 -7.31 -24.55 8.04
C GLU A 525 -6.36 -25.55 8.70
N ASN A 526 -5.46 -26.19 7.95
CA ASN A 526 -4.50 -27.11 8.55
C ASN A 526 -3.09 -26.54 8.48
N TRP A 527 -2.93 -25.28 8.91
CA TRP A 527 -1.65 -24.61 8.86
C TRP A 527 -1.43 -23.81 10.13
N LEU A 528 -0.17 -23.56 10.45
CA LEU A 528 0.22 -22.75 11.61
C LEU A 528 0.97 -21.53 11.12
N TYR A 529 0.29 -20.39 11.07
CA TYR A 529 0.91 -19.13 10.72
C TYR A 529 1.52 -18.48 11.95
N TRP A 530 2.71 -17.92 11.78
CA TRP A 530 3.32 -17.16 12.87
C TRP A 530 4.13 -16.01 12.28
N ILE A 531 4.33 -14.99 13.09
CA ILE A 531 5.00 -13.76 12.67
C ILE A 531 6.27 -13.58 13.51
N ASP A 532 7.37 -13.29 12.82
CA ASP A 532 8.64 -12.94 13.44
C ASP A 532 8.83 -11.43 13.26
N LYS A 533 8.85 -10.71 14.38
CA LYS A 533 8.86 -9.25 14.34
C LYS A 533 10.21 -8.70 13.90
N GLN A 534 11.29 -9.13 14.56
CA GLN A 534 12.61 -8.63 14.21
C GLN A 534 13.05 -9.13 12.84
N GLN A 535 12.77 -10.41 12.53
CA GLN A 535 13.06 -10.92 11.20
C GLN A 535 12.07 -10.43 10.16
N GLN A 536 10.93 -9.86 10.58
CA GLN A 536 9.94 -9.28 9.68
C GLN A 536 9.43 -10.31 8.69
N MET A 537 8.84 -11.38 9.22
CA MET A 537 8.39 -12.48 8.37
C MET A 537 7.05 -13.02 8.83
N ILE A 538 6.28 -13.51 7.87
CA ILE A 538 5.08 -14.30 8.12
C ILE A 538 5.31 -15.67 7.50
N GLU A 539 5.31 -16.71 8.33
CA GLU A 539 5.57 -18.07 7.90
C GLU A 539 4.44 -18.98 8.37
N LYS A 540 4.52 -20.26 7.96
CA LYS A 540 3.50 -21.23 8.32
C LYS A 540 4.11 -22.63 8.27
N ILE A 541 3.63 -23.50 9.15
CA ILE A 541 4.03 -24.90 9.21
C ILE A 541 2.81 -25.75 8.88
N ASP A 542 3.00 -26.75 8.03
CA ASP A 542 1.92 -27.65 7.68
C ASP A 542 1.57 -28.53 8.88
N MET A 543 0.28 -28.59 9.21
CA MET A 543 -0.15 -29.36 10.37
C MET A 543 -0.27 -30.85 10.07
N THR A 544 -0.61 -31.21 8.83
CA THR A 544 -0.64 -32.61 8.45
C THR A 544 0.74 -33.17 8.14
N GLY A 545 1.79 -32.36 8.27
CA GLY A 545 3.16 -32.83 8.07
C GLY A 545 3.47 -33.26 6.65
N ARG A 546 2.92 -32.58 5.65
CA ARG A 546 3.14 -32.93 4.26
C ARG A 546 4.08 -31.94 3.58
N GLU A 547 3.68 -30.68 3.43
CA GLU A 547 4.50 -29.72 2.69
C GLU A 547 5.62 -29.14 3.53
N GLY A 548 5.41 -28.99 4.83
CA GLY A 548 6.47 -28.50 5.70
C GLY A 548 6.47 -27.00 5.85
N ARG A 549 7.61 -26.49 6.30
CA ARG A 549 7.75 -25.06 6.57
C ARG A 549 7.78 -24.28 5.27
N THR A 550 7.06 -23.14 5.26
CA THR A 550 6.94 -22.31 4.08
C THR A 550 6.88 -20.85 4.49
N LYS A 551 7.56 -20.00 3.73
CA LYS A 551 7.55 -18.56 3.96
C LYS A 551 6.39 -17.94 3.20
N VAL A 552 5.51 -17.24 3.92
CA VAL A 552 4.35 -16.60 3.29
C VAL A 552 4.69 -15.20 2.82
N GLN A 553 5.33 -14.40 3.66
CA GLN A 553 5.70 -13.05 3.24
C GLN A 553 6.95 -12.61 4.00
N ALA A 554 7.78 -11.81 3.34
CA ALA A 554 9.06 -11.39 3.88
C ALA A 554 9.16 -9.88 3.93
N ARG A 555 9.91 -9.39 4.92
CA ARG A 555 10.21 -7.96 5.10
C ARG A 555 8.92 -7.15 5.29
N ILE A 556 8.33 -7.34 6.47
CA ILE A 556 7.16 -6.59 6.90
C ILE A 556 7.47 -6.05 8.29
N ALA A 557 7.67 -4.75 8.39
CA ALA A 557 8.18 -4.14 9.62
C ALA A 557 7.06 -3.85 10.61
N GLN A 558 7.46 -3.73 11.89
CA GLN A 558 6.60 -3.30 12.99
C GLN A 558 5.43 -4.25 13.24
N LEU A 559 5.57 -5.53 12.86
CA LEU A 559 4.49 -6.49 13.04
C LEU A 559 4.07 -6.60 14.50
N SER A 560 2.79 -6.83 14.72
CA SER A 560 2.27 -6.88 16.08
C SER A 560 1.44 -8.13 16.37
N ASP A 561 0.58 -8.56 15.46
CA ASP A 561 -0.26 -9.71 15.73
C ASP A 561 -0.74 -10.31 14.41
N ILE A 562 -1.31 -11.52 14.51
CA ILE A 562 -1.94 -12.18 13.38
C ILE A 562 -3.13 -12.98 13.89
N HIS A 563 -4.19 -13.03 13.10
CA HIS A 563 -5.44 -13.67 13.51
C HIS A 563 -6.11 -14.30 12.29
N ALA A 564 -6.36 -15.60 12.37
CA ALA A 564 -7.08 -16.31 11.32
C ALA A 564 -8.58 -16.19 11.53
N VAL A 565 -9.33 -16.26 10.42
CA VAL A 565 -10.78 -16.13 10.44
C VAL A 565 -11.36 -17.19 9.52
N LYS A 566 -12.09 -18.15 10.10
CA LYS A 566 -12.83 -19.14 9.34
C LYS A 566 -14.31 -18.73 9.29
N GLU A 567 -14.99 -19.21 8.25
CA GLU A 567 -16.38 -18.84 8.05
C GLU A 567 -17.26 -19.40 9.18
N LEU A 568 -18.15 -18.55 9.70
CA LEU A 568 -19.01 -18.94 10.81
C LEU A 568 -20.19 -19.72 10.25
N ASN A 569 -20.23 -21.02 10.56
CA ASN A 569 -21.37 -21.85 10.20
C ASN A 569 -22.49 -21.57 11.20
N LEU A 570 -23.45 -20.74 10.79
CA LEU A 570 -24.50 -20.33 11.72
C LEU A 570 -25.40 -21.49 12.12
N GLN A 571 -25.53 -22.50 11.27
CA GLN A 571 -26.27 -23.70 11.65
C GLN A 571 -25.58 -24.41 12.81
N GLU A 572 -24.27 -24.57 12.73
CA GLU A 572 -23.52 -25.15 13.85
C GLU A 572 -23.39 -24.16 15.00
N TYR A 573 -23.42 -22.86 14.70
CA TYR A 573 -23.32 -21.86 15.76
C TYR A 573 -24.54 -21.88 16.67
N ARG A 574 -25.73 -21.98 16.08
CA ARG A 574 -26.96 -22.00 16.88
C ARG A 574 -27.08 -23.25 17.73
N GLN A 575 -26.26 -24.27 17.49
CA GLN A 575 -26.33 -25.50 18.29
C GLN A 575 -25.68 -25.35 19.66
N HIS A 576 -24.76 -24.41 19.82
CA HIS A 576 -24.12 -24.21 21.13
C HIS A 576 -25.16 -23.68 22.11
N PRO A 577 -25.33 -24.33 23.27
CA PRO A 577 -26.32 -23.83 24.24
C PRO A 577 -25.92 -22.51 24.88
N CYS A 578 -24.63 -22.16 24.88
CA CYS A 578 -24.16 -20.89 25.41
C CYS A 578 -24.55 -19.70 24.53
N ALA A 579 -25.04 -19.95 23.32
CA ALA A 579 -25.34 -18.88 22.36
C ALA A 579 -26.80 -18.44 22.38
N GLN A 580 -27.72 -19.32 22.75
CA GLN A 580 -29.15 -19.00 22.76
C GLN A 580 -29.47 -18.35 24.09
N ASP A 581 -29.54 -17.01 24.10
CA ASP A 581 -29.83 -16.22 25.30
C ASP A 581 -28.82 -16.54 26.41
N ASN A 582 -27.57 -16.78 26.02
CA ASN A 582 -26.48 -17.07 26.96
C ASN A 582 -26.83 -18.24 27.85
N GLY A 583 -27.53 -19.23 27.30
CA GLY A 583 -27.96 -20.38 28.07
C GLY A 583 -28.83 -20.04 29.26
N GLY A 584 -29.61 -18.96 29.16
CA GLY A 584 -30.37 -18.45 30.28
C GLY A 584 -29.53 -17.84 31.38
N CYS A 585 -28.21 -17.89 31.28
CA CYS A 585 -27.34 -17.37 32.33
C CYS A 585 -27.16 -15.88 32.19
N SER A 586 -27.40 -15.14 33.27
CA SER A 586 -26.83 -13.82 33.39
C SER A 586 -25.33 -13.97 33.56
N HIS A 587 -24.56 -13.15 32.84
CA HIS A 587 -23.11 -13.21 32.85
C HIS A 587 -22.59 -14.50 32.22
N ILE A 588 -21.93 -15.34 33.01
CA ILE A 588 -21.11 -16.42 32.47
C ILE A 588 -21.95 -17.69 32.33
N CYS A 589 -22.01 -18.21 31.10
CA CYS A 589 -22.55 -19.54 30.83
C CYS A 589 -21.39 -20.52 30.63
N LEU A 590 -21.50 -21.68 31.27
CA LEU A 590 -20.46 -22.70 31.19
C LEU A 590 -21.05 -23.99 30.62
N VAL A 591 -20.28 -24.66 29.76
CA VAL A 591 -20.68 -25.93 29.19
C VAL A 591 -20.04 -27.05 29.99
N LYS A 592 -20.86 -28.00 30.44
CA LYS A 592 -20.36 -29.14 31.17
C LYS A 592 -20.02 -30.28 30.21
N GLY A 593 -19.57 -31.40 30.77
CA GLY A 593 -19.21 -32.53 29.93
C GLY A 593 -20.39 -33.11 29.19
N ASP A 594 -21.54 -33.18 29.84
CA ASP A 594 -22.73 -33.76 29.23
C ASP A 594 -23.32 -32.87 28.12
N GLY A 595 -22.99 -31.58 28.12
CA GLY A 595 -23.48 -30.66 27.12
C GLY A 595 -24.46 -29.62 27.63
N THR A 596 -24.90 -29.73 28.88
CA THR A 596 -25.80 -28.73 29.45
C THR A 596 -25.00 -27.52 29.93
N THR A 597 -25.69 -26.56 30.52
CA THR A 597 -25.09 -25.30 30.93
C THR A 597 -25.13 -25.15 32.45
N ARG A 598 -24.26 -24.27 32.94
CA ARG A 598 -24.15 -23.96 34.36
C ARG A 598 -23.61 -22.54 34.48
N CYS A 599 -24.32 -21.69 35.21
CA CYS A 599 -24.01 -20.28 35.27
C CYS A 599 -22.92 -19.99 36.30
N SER A 600 -22.22 -18.88 36.08
CA SER A 600 -21.22 -18.38 37.01
C SER A 600 -21.02 -16.90 36.74
N CYS A 601 -20.29 -16.25 37.65
CA CYS A 601 -20.25 -14.80 37.70
C CYS A 601 -18.88 -14.36 38.17
N PRO A 602 -18.53 -13.07 37.96
CA PRO A 602 -17.19 -12.60 38.36
C PRO A 602 -16.96 -12.60 39.87
N MET A 603 -15.81 -12.07 40.28
CA MET A 603 -15.41 -12.15 41.69
C MET A 603 -16.20 -11.19 42.57
N HIS A 604 -16.71 -10.09 42.02
CA HIS A 604 -17.46 -9.12 42.81
C HIS A 604 -18.94 -9.45 42.91
N LEU A 605 -19.38 -10.57 42.33
CA LEU A 605 -20.75 -11.02 42.39
C LEU A 605 -20.82 -12.45 42.91
N VAL A 606 -22.02 -12.90 43.24
CA VAL A 606 -22.26 -14.24 43.78
C VAL A 606 -23.55 -14.79 43.17
N LEU A 607 -23.55 -16.07 42.83
CA LEU A 607 -24.73 -16.71 42.29
C LEU A 607 -25.84 -16.79 43.34
N LEU A 608 -27.08 -16.79 42.86
CA LEU A 608 -28.26 -16.69 43.73
C LEU A 608 -29.04 -18.02 43.73
N GLN A 609 -30.28 -17.96 44.23
CA GLN A 609 -31.09 -19.16 44.39
C GLN A 609 -31.43 -19.81 43.05
N ASP A 610 -31.75 -18.99 42.04
CA ASP A 610 -32.14 -19.51 40.74
C ASP A 610 -30.99 -20.13 39.98
N GLU A 611 -29.76 -20.02 40.49
CA GLU A 611 -28.56 -20.53 39.82
C GLU A 611 -28.35 -19.87 38.46
N LEU A 612 -28.86 -18.66 38.29
CA LEU A 612 -28.74 -17.93 37.04
C LEU A 612 -28.28 -16.50 37.26
N SER A 613 -28.91 -15.79 38.19
CA SER A 613 -28.66 -14.38 38.43
C SER A 613 -27.59 -14.20 39.52
N CYS A 614 -27.10 -12.97 39.64
CA CYS A 614 -26.01 -12.67 40.55
C CYS A 614 -26.16 -11.25 41.09
N GLY A 615 -25.49 -11.01 42.22
CA GLY A 615 -25.52 -9.71 42.84
C GLY A 615 -24.58 -9.65 44.02
N ALA A 616 -24.89 -8.75 44.95
CA ALA A 616 -24.08 -8.57 46.15
C ALA A 616 -24.41 -9.62 47.20
N ALA A 617 -24.20 -9.29 48.47
CA ALA A 617 -24.36 -10.29 49.53
C ALA A 617 -25.13 -9.75 50.73
N ALA A 618 -24.53 -8.81 51.45
CA ALA A 618 -25.14 -8.29 52.67
C ALA A 618 -26.22 -7.26 52.35
N GLU B 1 12.84 7.28 -4.22
CA GLU B 1 14.11 7.47 -3.55
C GLU B 1 15.25 6.76 -4.28
N VAL B 2 16.39 7.43 -4.37
CA VAL B 2 17.58 6.90 -5.04
C VAL B 2 18.79 7.22 -4.18
N GLN B 3 19.71 6.25 -4.08
CA GLN B 3 20.96 6.46 -3.37
C GLN B 3 22.13 6.36 -4.34
N LEU B 4 23.08 7.30 -4.21
CA LEU B 4 24.23 7.40 -5.09
C LEU B 4 25.52 7.12 -4.31
N GLN B 5 26.47 6.48 -4.98
CA GLN B 5 27.74 6.11 -4.36
C GLN B 5 28.89 6.46 -5.30
N GLU B 6 29.63 7.51 -4.97
CA GLU B 6 30.77 7.90 -5.78
C GLU B 6 31.99 7.04 -5.45
N SER B 7 32.80 6.78 -6.46
CA SER B 7 34.00 5.98 -6.29
C SER B 7 35.08 6.47 -7.24
N GLY B 8 36.32 6.14 -6.93
CA GLY B 8 37.46 6.61 -7.68
C GLY B 8 37.98 7.95 -7.18
N GLY B 9 39.11 8.35 -7.71
CA GLY B 9 39.68 9.62 -7.35
C GLY B 9 40.74 9.50 -6.26
N GLY B 10 41.71 10.40 -6.29
CA GLY B 10 42.77 10.39 -5.31
C GLY B 10 43.84 11.41 -5.64
N LEU B 11 45.09 11.07 -5.31
CA LEU B 11 46.22 11.94 -5.57
C LEU B 11 46.70 11.72 -7.00
N VAL B 12 46.68 12.78 -7.81
CA VAL B 12 47.03 12.70 -9.22
C VAL B 12 47.94 13.87 -9.57
N GLN B 13 49.01 13.58 -10.31
CA GLN B 13 49.94 14.62 -10.75
C GLN B 13 49.27 15.57 -11.72
N ALA B 14 49.88 16.75 -11.87
CA ALA B 14 49.35 17.77 -12.77
C ALA B 14 49.48 17.33 -14.21
N GLY B 15 48.46 17.64 -15.01
CA GLY B 15 48.45 17.28 -16.41
C GLY B 15 48.05 15.85 -16.72
N GLY B 16 47.65 15.07 -15.72
CA GLY B 16 47.27 13.69 -15.90
C GLY B 16 45.79 13.52 -16.14
N SER B 17 45.31 12.29 -15.93
CA SER B 17 43.91 11.95 -16.11
C SER B 17 43.43 11.13 -14.93
N LEU B 18 42.11 10.99 -14.83
CA LEU B 18 41.47 10.30 -13.73
C LEU B 18 39.98 10.11 -14.01
N ARG B 19 39.46 8.90 -13.87
CA ARG B 19 38.08 8.59 -14.19
C ARG B 19 37.30 8.37 -12.90
N LEU B 20 36.21 9.12 -12.75
CA LEU B 20 35.33 9.01 -11.58
C LEU B 20 34.12 8.15 -11.91
N SER B 21 33.59 7.49 -10.88
CA SER B 21 32.43 6.62 -11.04
C SER B 21 31.35 7.02 -10.05
N CYS B 22 30.10 6.73 -10.42
CA CYS B 22 28.95 7.03 -9.57
C CYS B 22 27.93 5.92 -9.78
N ALA B 23 27.70 5.11 -8.75
CA ALA B 23 26.78 3.98 -8.82
C ALA B 23 25.43 4.38 -8.23
N ALA B 24 24.38 4.25 -9.02
CA ALA B 24 23.03 4.56 -8.59
C ALA B 24 22.30 3.28 -8.22
N SER B 25 21.62 3.30 -7.07
CA SER B 25 20.82 2.17 -6.63
C SER B 25 19.48 2.66 -6.12
N GLY B 26 18.45 1.85 -6.33
CA GLY B 26 17.09 2.21 -5.97
C GLY B 26 16.20 2.37 -7.18
N ARG B 27 15.33 3.38 -7.16
CA ARG B 27 14.40 3.65 -8.27
C ARG B 27 15.15 4.34 -9.43
N THR B 28 16.12 3.61 -9.99
CA THR B 28 16.91 4.16 -11.08
C THR B 28 16.11 4.31 -12.36
N PHE B 29 15.02 3.55 -12.53
CA PHE B 29 14.17 3.71 -13.69
C PHE B 29 13.57 5.11 -13.77
N SER B 30 13.46 5.81 -12.64
CA SER B 30 12.86 7.12 -12.57
C SER B 30 13.88 8.25 -12.67
N ILE B 31 15.14 7.93 -12.96
CA ILE B 31 16.19 8.95 -12.98
C ILE B 31 16.09 9.74 -14.28
N TYR B 32 16.06 11.06 -14.15
CA TYR B 32 16.03 12.00 -15.26
C TYR B 32 17.44 12.34 -15.75
N THR B 33 18.25 12.96 -14.88
CA THR B 33 19.62 13.30 -15.22
C THR B 33 20.53 13.05 -14.02
N ILE B 34 21.82 12.92 -14.30
CA ILE B 34 22.86 12.80 -13.30
C ILE B 34 23.87 13.92 -13.53
N GLY B 35 24.13 14.71 -12.50
CA GLY B 35 25.03 15.86 -12.61
C GLY B 35 26.18 15.75 -11.64
N TRP B 36 27.37 16.15 -12.10
CA TRP B 36 28.57 16.17 -11.29
C TRP B 36 28.82 17.58 -10.77
N PHE B 37 29.06 17.69 -9.46
CA PHE B 37 29.41 18.93 -8.81
C PHE B 37 30.77 18.79 -8.15
N ARG B 38 31.38 19.92 -7.78
CA ARG B 38 32.63 19.87 -7.05
C ARG B 38 32.70 21.01 -6.05
N GLN B 39 33.31 20.74 -4.89
CA GLN B 39 33.40 21.69 -3.79
C GLN B 39 34.87 21.91 -3.45
N ALA B 40 35.37 23.11 -3.73
CA ALA B 40 36.72 23.49 -3.39
C ALA B 40 36.79 23.90 -1.91
N PRO B 41 37.99 23.89 -1.32
CA PRO B 41 38.11 24.33 0.08
C PRO B 41 37.72 25.78 0.30
N GLY B 42 37.73 26.61 -0.74
CA GLY B 42 37.33 28.01 -0.60
C GLY B 42 36.01 28.30 -1.28
N LYS B 43 35.92 28.00 -2.57
CA LYS B 43 34.69 28.22 -3.31
C LYS B 43 33.61 27.24 -2.87
N GLU B 44 32.37 27.54 -3.24
CA GLU B 44 31.23 26.70 -2.90
C GLU B 44 30.98 25.70 -4.03
N ARG B 45 29.79 25.09 -4.05
CA ARG B 45 29.49 24.07 -5.05
C ARG B 45 29.56 24.65 -6.46
N GLU B 46 30.25 23.95 -7.35
CA GLU B 46 30.37 24.32 -8.75
C GLU B 46 29.80 23.20 -9.61
N PHE B 47 28.93 23.58 -10.55
CA PHE B 47 28.33 22.63 -11.47
C PHE B 47 29.31 22.31 -12.60
N VAL B 48 29.54 21.03 -12.83
CA VAL B 48 30.57 20.56 -13.76
C VAL B 48 29.94 20.05 -15.06
N ALA B 49 29.15 18.99 -14.98
CA ALA B 49 28.57 18.40 -16.17
C ALA B 49 27.33 17.60 -15.79
N GLU B 50 26.47 17.36 -16.77
CA GLU B 50 25.27 16.58 -16.58
C GLU B 50 25.02 15.72 -17.81
N ILE B 51 24.30 14.61 -17.59
CA ILE B 51 23.90 13.72 -18.68
C ILE B 51 22.55 13.12 -18.32
N THR B 52 21.68 12.99 -19.32
CA THR B 52 20.42 12.29 -19.11
C THR B 52 20.69 10.81 -18.87
N TRP B 53 19.76 10.16 -18.16
CA TRP B 53 19.97 8.78 -17.76
C TRP B 53 20.07 7.85 -18.97
N SER B 54 19.54 8.24 -20.12
CA SER B 54 19.69 7.44 -21.33
C SER B 54 21.00 7.72 -22.05
N GLY B 55 21.75 8.73 -21.64
CA GLY B 55 22.98 9.09 -22.29
C GLY B 55 22.82 9.87 -23.58
N GLY B 56 21.58 10.26 -23.93
CA GLY B 56 21.35 10.94 -25.19
C GLY B 56 21.76 12.40 -25.21
N SER B 57 21.64 13.09 -24.08
CA SER B 57 21.97 14.50 -23.98
C SER B 57 23.03 14.72 -22.92
N THR B 58 23.86 15.73 -23.14
CA THR B 58 24.98 16.01 -22.25
C THR B 58 25.25 17.51 -22.22
N TYR B 59 25.76 17.98 -21.08
CA TYR B 59 26.12 19.38 -20.92
C TYR B 59 27.39 19.50 -20.09
N TYR B 60 28.37 20.23 -20.62
CA TYR B 60 29.62 20.52 -19.92
C TYR B 60 29.73 22.00 -19.67
N ALA B 61 30.20 22.37 -18.48
CA ALA B 61 30.48 23.77 -18.18
C ALA B 61 31.76 24.20 -18.89
N ASP B 62 31.84 25.50 -19.20
CA ASP B 62 33.00 26.03 -19.91
C ASP B 62 34.29 25.89 -19.11
N SER B 63 34.20 25.67 -17.79
CA SER B 63 35.41 25.52 -16.99
C SER B 63 36.12 24.20 -17.27
N VAL B 64 35.38 23.18 -17.73
CA VAL B 64 35.96 21.86 -17.96
C VAL B 64 35.61 21.36 -19.35
N LYS B 65 35.02 22.24 -20.18
CA LYS B 65 34.61 21.83 -21.51
C LYS B 65 35.84 21.55 -22.38
N GLY B 66 35.80 20.45 -23.11
CA GLY B 66 36.92 20.00 -23.90
C GLY B 66 37.85 19.04 -23.21
N ARG B 67 37.89 19.06 -21.87
CA ARG B 67 38.71 18.14 -21.10
C ARG B 67 37.87 16.99 -20.54
N PHE B 68 36.84 17.30 -19.78
CA PHE B 68 36.05 16.28 -19.10
C PHE B 68 35.05 15.65 -20.06
N THR B 69 34.70 14.39 -19.77
CA THR B 69 33.73 13.65 -20.58
C THR B 69 32.86 12.84 -19.63
N ILE B 70 31.62 13.30 -19.43
CA ILE B 70 30.65 12.57 -18.63
C ILE B 70 29.98 11.54 -19.52
N SER B 71 29.69 10.37 -18.96
CA SER B 71 29.14 9.27 -19.74
C SER B 71 28.38 8.34 -18.82
N ARG B 72 27.66 7.40 -19.43
CA ARG B 72 26.98 6.35 -18.70
C ARG B 72 27.46 4.99 -19.20
N ASP B 73 27.51 4.01 -18.29
CA ASP B 73 27.94 2.67 -18.65
C ASP B 73 26.96 2.05 -19.64
N ASN B 74 27.47 1.11 -20.44
CA ASN B 74 26.66 0.45 -21.45
C ASN B 74 25.64 -0.52 -20.86
N ALA B 75 25.74 -0.82 -19.55
CA ALA B 75 24.81 -1.76 -18.93
C ALA B 75 24.57 -1.41 -17.47
N LYS B 76 25.64 -1.23 -16.70
CA LYS B 76 25.51 -0.98 -15.27
C LYS B 76 24.84 0.37 -15.00
N ASN B 77 24.36 0.53 -13.78
CA ASN B 77 23.71 1.77 -13.35
C ASN B 77 24.72 2.74 -12.76
N THR B 78 25.81 2.98 -13.50
CA THR B 78 26.86 3.88 -13.08
C THR B 78 27.13 4.90 -14.18
N VAL B 79 27.57 6.09 -13.77
CA VAL B 79 28.01 7.12 -14.70
C VAL B 79 29.46 7.45 -14.39
N TYR B 80 30.22 7.76 -15.42
CA TYR B 80 31.64 8.05 -15.29
C TYR B 80 31.92 9.49 -15.69
N LEU B 81 32.96 10.06 -15.07
CA LEU B 81 33.46 11.38 -15.42
C LEU B 81 34.94 11.23 -15.74
N GLN B 82 35.27 11.19 -17.03
CA GLN B 82 36.66 11.07 -17.47
C GLN B 82 37.29 12.46 -17.44
N MET B 83 38.27 12.65 -16.56
CA MET B 83 38.92 13.93 -16.36
C MET B 83 40.30 13.89 -16.99
N ASN B 84 40.54 14.76 -17.95
CA ASN B 84 41.81 14.86 -18.64
C ASN B 84 42.40 16.25 -18.45
N SER B 85 43.72 16.33 -18.57
CA SER B 85 44.47 17.59 -18.44
C SER B 85 44.19 18.23 -17.09
N LEU B 86 44.42 17.47 -16.03
CA LEU B 86 44.14 17.94 -14.68
C LEU B 86 45.04 19.11 -14.30
N LYS B 87 44.45 20.09 -13.64
CA LYS B 87 45.13 21.29 -13.15
C LYS B 87 45.03 21.36 -11.64
N PRO B 88 45.95 22.09 -10.98
CA PRO B 88 45.78 22.32 -9.54
C PRO B 88 44.51 23.08 -9.20
N GLU B 89 43.87 23.72 -10.19
CA GLU B 89 42.61 24.39 -9.99
C GLU B 89 41.42 23.44 -9.91
N ASP B 90 41.63 22.15 -10.13
CA ASP B 90 40.58 21.15 -10.07
C ASP B 90 40.56 20.39 -8.74
N THR B 91 41.46 20.72 -7.81
CA THR B 91 41.51 20.04 -6.52
C THR B 91 40.25 20.35 -5.72
N ALA B 92 39.36 19.37 -5.60
CA ALA B 92 38.10 19.57 -4.90
C ALA B 92 37.48 18.21 -4.60
N VAL B 93 36.36 18.24 -3.87
CA VAL B 93 35.56 17.06 -3.59
C VAL B 93 34.42 17.02 -4.60
N TYR B 94 34.30 15.90 -5.31
CA TYR B 94 33.36 15.77 -6.42
C TYR B 94 32.12 15.02 -5.97
N TYR B 95 30.95 15.58 -6.28
CA TYR B 95 29.67 15.07 -5.84
C TYR B 95 28.82 14.61 -7.02
N CYS B 96 28.15 13.49 -6.85
CA CYS B 96 27.15 13.01 -7.79
C CYS B 96 25.77 13.50 -7.35
N ALA B 97 24.93 13.87 -8.31
CA ALA B 97 23.61 14.40 -8.00
C ALA B 97 22.60 13.83 -8.97
N ALA B 98 21.47 13.34 -8.44
CA ALA B 98 20.42 12.72 -9.23
C ALA B 98 19.15 13.55 -9.12
N ILE B 99 18.53 13.83 -10.26
CA ILE B 99 17.21 14.45 -10.34
C ILE B 99 16.28 13.44 -11.00
N THR B 100 15.14 13.17 -10.37
CA THR B 100 14.22 12.15 -10.84
C THR B 100 12.96 12.78 -11.43
N TYR B 101 12.31 12.03 -12.33
CA TYR B 101 11.04 12.48 -12.87
C TYR B 101 9.98 12.53 -11.77
N THR B 102 9.92 11.49 -10.94
CA THR B 102 9.17 11.56 -9.70
C THR B 102 9.87 12.50 -8.73
N ARG B 103 9.07 13.21 -7.92
CA ARG B 103 9.57 14.16 -6.94
C ARG B 103 10.20 15.38 -7.60
N GLY B 104 10.49 15.30 -8.89
CA GLY B 104 10.98 16.43 -9.67
C GLY B 104 12.28 17.04 -9.20
N ILE B 105 12.20 18.26 -8.68
CA ILE B 105 13.40 19.03 -8.35
C ILE B 105 14.18 18.42 -7.20
N TYR B 106 13.58 17.51 -6.44
CA TYR B 106 14.25 16.91 -5.30
C TYR B 106 15.51 16.18 -5.75
N LYS B 107 16.66 16.66 -5.27
CA LYS B 107 17.96 16.13 -5.68
C LYS B 107 18.45 15.12 -4.65
N TYR B 108 18.82 13.94 -5.13
CA TYR B 108 19.43 12.90 -4.30
C TYR B 108 20.94 13.00 -4.45
N TRP B 109 21.63 13.17 -3.34
CA TRP B 109 23.07 13.46 -3.34
C TRP B 109 23.87 12.25 -2.90
N GLY B 110 25.15 12.25 -3.31
CA GLY B 110 26.12 11.30 -2.84
C GLY B 110 27.11 11.94 -1.88
N GLN B 111 28.00 11.10 -1.34
CA GLN B 111 28.97 11.58 -0.37
C GLN B 111 30.18 12.24 -1.02
N GLY B 112 30.47 11.94 -2.28
CA GLY B 112 31.55 12.58 -2.99
C GLY B 112 32.89 11.92 -2.75
N THR B 113 33.83 12.20 -3.66
CA THR B 113 35.18 11.66 -3.57
C THR B 113 36.19 12.80 -3.65
N GLN B 114 37.26 12.69 -2.86
CA GLN B 114 38.28 13.74 -2.82
C GLN B 114 39.25 13.59 -3.99
N VAL B 115 39.50 14.70 -4.68
CA VAL B 115 40.42 14.73 -5.82
C VAL B 115 41.43 15.85 -5.57
N THR B 116 42.72 15.49 -5.58
CA THR B 116 43.80 16.44 -5.36
C THR B 116 44.77 16.38 -6.53
N VAL B 117 45.17 17.54 -7.03
CA VAL B 117 46.10 17.66 -8.14
C VAL B 117 47.30 18.43 -7.66
N SER B 118 48.46 17.78 -7.60
CA SER B 118 49.70 18.39 -7.14
C SER B 118 50.54 18.87 -8.32
N SER B 119 51.34 19.90 -8.07
CA SER B 119 52.20 20.46 -9.10
C SER B 119 53.58 20.76 -8.53
C1 NAG C . -18.11 25.94 -6.71
C2 NAG C . -18.45 25.11 -7.94
C3 NAG C . -19.81 24.45 -7.75
C4 NAG C . -19.89 23.71 -6.43
C5 NAG C . -19.41 24.57 -5.27
C6 NAG C . -19.28 23.80 -3.97
C7 NAG C . -17.85 25.54 -10.28
C8 NAG C . -17.93 26.51 -11.42
N2 NAG C . -18.43 25.93 -9.13
O3 NAG C . -20.03 23.55 -8.84
O4 NAG C . -21.25 23.36 -6.17
O5 NAG C . -18.11 25.11 -5.56
O6 NAG C . -20.45 23.92 -3.18
O7 NAG C . -17.30 24.45 -10.39
C1 NAG C . -21.47 21.97 -6.45
C2 NAG C . -22.72 21.53 -5.71
C3 NAG C . -22.99 20.05 -5.96
C4 NAG C . -23.04 19.76 -7.46
C5 NAG C . -21.80 20.32 -8.15
C6 NAG C . -21.88 20.23 -9.66
C7 NAG C . -23.30 22.76 -3.65
C8 NAG C . -24.20 23.60 -4.52
N2 NAG C . -22.61 21.79 -4.28
O3 NAG C . -24.23 19.70 -5.34
O4 NAG C . -23.08 18.36 -7.67
O5 NAG C . -21.63 21.71 -7.84
O6 NAG C . -22.10 18.89 -10.08
O7 NAG C . -23.18 22.96 -2.45
C1 BMA C . -24.45 17.93 -7.90
C2 BMA C . -24.44 16.73 -8.86
C3 BMA C . -25.85 16.14 -8.98
C4 BMA C . -26.52 15.95 -7.61
C5 BMA C . -26.48 17.27 -6.84
C6 BMA C . -27.09 17.15 -5.45
O2 BMA C . -23.61 15.69 -8.37
O3 BMA C . -25.84 14.90 -9.68
O4 BMA C . -27.86 15.54 -7.78
O5 BMA C . -25.11 17.65 -6.68
O6 BMA C . -27.21 18.47 -4.90
C1 NAG D . 1.82 25.51 -40.60
C2 NAG D . 0.93 26.67 -41.04
C3 NAG D . 0.84 26.71 -42.58
C4 NAG D . 2.24 26.72 -43.19
C5 NAG D . 3.09 25.59 -42.62
C6 NAG D . 4.53 25.64 -43.08
C7 NAG D . -0.99 27.59 -39.82
C8 NAG D . -2.37 27.32 -39.28
N2 NAG D . -0.39 26.58 -40.46
O3 NAG D . 0.13 27.87 -42.98
O4 NAG D . 2.14 26.55 -44.60
O5 NAG D . 3.11 25.66 -41.19
O6 NAG D . 5.42 25.50 -41.98
O7 NAG D . -0.44 28.67 -39.68
C1 NAG D . 2.48 27.76 -45.29
C2 NAG D . 3.82 27.58 -46.04
C3 NAG D . 3.66 26.76 -47.33
C4 NAG D . 2.44 27.18 -48.14
C5 NAG D . 1.82 28.44 -47.57
C6 NAG D . 0.59 28.89 -48.31
C7 NAG D . 5.81 28.97 -46.44
C8 NAG D . 6.32 30.35 -46.71
N2 NAG D . 4.49 28.85 -46.31
O3 NAG D . 3.55 25.37 -46.99
O4 NAG D . 2.82 27.42 -49.50
O5 NAG D . 1.43 28.18 -46.22
O6 NAG D . -0.41 27.87 -48.32
O7 NAG D . 6.56 28.00 -46.33
C1 BMA D . 3.06 26.17 -50.16
C2 BMA D . 1.71 25.48 -50.48
C3 BMA D . 1.96 24.17 -51.23
C4 BMA D . 2.94 24.36 -52.40
C5 BMA D . 4.22 25.06 -51.91
C6 BMA D . 5.20 25.35 -53.04
O2 BMA D . 0.92 26.31 -51.33
O3 BMA D . 0.75 23.60 -51.70
O4 BMA D . 3.27 23.10 -52.97
O5 BMA D . 3.87 26.31 -51.31
O6 BMA D . 6.30 26.07 -52.50
C1 NAG E . -22.25 -15.12 -16.03
C2 NAG E . -23.21 -15.90 -16.94
C3 NAG E . -22.56 -17.21 -17.39
C4 NAG E . -21.19 -16.95 -18.00
C5 NAG E . -20.34 -16.13 -17.04
C6 NAG E . -19.00 -15.73 -17.63
C7 NAG E . -25.64 -16.26 -16.89
C8 NAG E . -26.83 -16.53 -16.03
N2 NAG E . -24.47 -16.16 -16.26
O3 NAG E . -23.41 -17.85 -18.33
O4 NAG E . -20.52 -18.19 -18.26
O5 NAG E . -21.02 -14.91 -16.71
O6 NAG E . -18.13 -15.20 -16.63
O7 NAG E . -25.73 -16.13 -18.11
C1 NAG E . -20.68 -18.59 -19.63
C2 NAG E . -19.31 -18.82 -20.27
C3 NAG E . -19.47 -19.32 -21.70
C4 NAG E . -20.36 -20.57 -21.72
C5 NAG E . -21.68 -20.28 -21.04
C6 NAG E . -22.58 -21.49 -20.92
C7 NAG E . -17.18 -17.59 -20.16
C8 NAG E . -16.52 -16.25 -20.17
N2 NAG E . -18.53 -17.60 -20.26
O3 NAG E . -18.19 -19.61 -22.24
O4 NAG E . -20.60 -20.99 -23.06
O5 NAG E . -21.46 -19.80 -19.71
O6 NAG E . -23.67 -21.24 -20.05
O7 NAG E . -16.55 -18.63 -20.07
C1 BMA E . -19.65 -22.04 -23.42
C2 BMA E . -20.24 -23.43 -23.16
C3 BMA E . -19.21 -24.49 -23.55
C4 BMA E . -18.62 -24.23 -24.95
C5 BMA E . -18.09 -22.80 -25.04
C6 BMA E . -17.56 -22.45 -26.42
O2 BMA E . -21.38 -23.65 -23.97
O3 BMA E . -19.75 -25.80 -23.48
O4 BMA E . -17.57 -25.14 -25.21
O5 BMA E . -19.17 -21.89 -24.73
O6 BMA E . -16.77 -21.27 -26.31
C1 NAG F . -12.64 -4.07 34.03
C2 NAG F . -12.13 -3.13 35.10
C3 NAG F . -13.26 -2.20 35.54
C4 NAG F . -13.83 -1.46 34.33
C5 NAG F . -14.18 -2.42 33.19
C6 NAG F . -14.47 -1.69 31.90
C7 NAG F . -10.34 -3.58 36.70
C8 NAG F . -9.91 -4.39 37.88
N2 NAG F . -11.57 -3.84 36.23
O3 NAG F . -12.77 -1.28 36.50
O4 NAG F . -15.01 -0.77 34.72
O5 NAG F . -13.10 -3.32 32.91
O6 NAG F . -15.47 -2.34 31.13
O7 NAG F . -9.61 -2.74 36.19
C1 NAG F . -14.76 0.64 34.84
C2 NAG F . -16.07 1.38 34.55
C3 NAG F . -15.89 2.88 34.73
C4 NAG F . -15.31 3.18 36.11
C5 NAG F . -14.03 2.37 36.33
C6 NAG F . -13.44 2.53 37.71
C7 NAG F . -17.57 0.28 32.94
C8 NAG F . -17.91 0.09 31.49
N2 NAG F . -16.54 1.09 33.20
O3 NAG F . -17.14 3.53 34.58
O4 NAG F . -15.02 4.56 36.24
O5 NAG F . -14.29 0.98 36.14
O6 NAG F . -12.46 1.54 37.98
O7 NAG F . -18.20 -0.29 33.84
C1 BMA F . -15.87 5.14 37.26
C2 BMA F . -15.14 6.30 37.95
C3 BMA F . -16.05 6.92 39.02
C4 BMA F . -17.46 7.21 38.46
C5 BMA F . -18.05 5.96 37.78
C6 BMA F . -19.40 6.22 37.14
O2 BMA F . -14.83 7.33 37.02
O3 BMA F . -15.49 8.14 39.55
O4 BMA F . -18.32 7.62 39.52
O5 BMA F . -17.14 5.53 36.77
O6 BMA F . -19.91 4.98 36.67
C1 MAN F . -14.27 7.85 40.24
C2 MAN F . -14.40 8.25 41.74
C3 MAN F . -14.13 9.75 41.93
C4 MAN F . -12.86 10.19 41.19
C5 MAN F . -13.01 9.84 39.71
C6 MAN F . -11.80 10.25 38.89
O2 MAN F . -13.41 7.58 42.54
O3 MAN F . -14.04 10.10 43.31
O4 MAN F . -12.69 11.60 41.32
O5 MAN F . -13.14 8.40 39.60
O6 MAN F . -12.21 10.41 37.54
C1 NAG G . -1.54 20.78 -39.85
C2 NAG G . -2.46 21.87 -40.40
C3 NAG G . -3.38 21.30 -41.47
C4 NAG G . -2.55 20.60 -42.55
C5 NAG G . -1.64 19.55 -41.91
C6 NAG G . -0.72 18.89 -42.90
C7 NAG G . -2.85 23.55 -38.64
C8 NAG G . -3.78 24.04 -37.58
N2 NAG G . -3.24 22.47 -39.33
O3 NAG G . -4.14 22.35 -42.06
O4 NAG G . -3.42 19.95 -43.48
O5 NAG G . -0.81 20.17 -40.92
O6 NAG G . -1.22 18.98 -44.23
O7 NAG G . -1.77 24.10 -38.87
CA CA H . -4.37 -15.27 19.15
#